data_2C94
#
_entry.id   2C94
#
_cell.length_a   131.384
_cell.length_b   81.251
_cell.length_c   85.883
_cell.angle_alpha   90.00
_cell.angle_beta   120.25
_cell.angle_gamma   90.00
#
_symmetry.space_group_name_H-M   'C 1 2 1'
#
loop_
_entity.id
_entity.type
_entity.pdbx_description
1 polymer '6,7-DIMETHYL-8-RIBITYLLUMAZINE SYNTHASE'
2 non-polymer '3-(1,3,7-TRIHYDRO-9-D-RIBITYL-2,6,8-PURINETRIONE-7-YL) 1,1 DIFLUOROPENTANE-1-PHOSPHATE'
3 non-polymer 'POTASSIUM ION'
4 water water
#
_entity_poly.entity_id   1
_entity_poly.type   'polypeptide(L)'
_entity_poly.pdbx_seq_one_letter_code
;MKGGAGVPDLPSLDASGVRLAIVASSWHGKICDALLDGARKVAAGCGLDDPTVVRVLGAIEIPVVAQELARNHDAVVALG
VVIRGQTPHFDYVCDAVTQGLTRVSLDSSTPIANGVLTTNTEEQALDRAGLPTSAEDKGAQATVAALATALTLRELRAHS
;
_entity_poly.pdbx_strand_id   A,B,C,D,E
#
# COMPACT_ATOMS: atom_id res chain seq x y z
N ALA A 15 -1.99 -30.75 -16.04
CA ALA A 15 -1.80 -30.12 -14.69
C ALA A 15 -2.25 -31.02 -13.54
N SER A 16 -2.29 -32.33 -13.80
CA SER A 16 -2.90 -33.29 -12.86
C SER A 16 -2.24 -33.40 -11.47
N GLY A 17 -0.96 -33.03 -11.36
CA GLY A 17 -0.26 -33.09 -10.08
C GLY A 17 -0.37 -31.81 -9.26
N VAL A 18 -1.02 -30.80 -9.80
CA VAL A 18 -1.15 -29.51 -9.14
C VAL A 18 -2.18 -29.58 -8.02
N ARG A 19 -1.81 -29.05 -6.86
CA ARG A 19 -2.70 -28.94 -5.71
C ARG A 19 -3.38 -27.56 -5.74
N LEU A 20 -4.67 -27.55 -6.11
CA LEU A 20 -5.40 -26.33 -6.33
C LEU A 20 -6.42 -26.10 -5.23
N ALA A 21 -6.48 -24.85 -4.75
CA ALA A 21 -7.54 -24.41 -3.86
C ALA A 21 -8.33 -23.30 -4.52
N ILE A 22 -9.63 -23.25 -4.23
CA ILE A 22 -10.49 -22.18 -4.70
C ILE A 22 -11.25 -21.61 -3.51
N VAL A 23 -11.15 -20.29 -3.33
CA VAL A 23 -11.91 -19.61 -2.29
C VAL A 23 -12.85 -18.63 -2.96
N ALA A 24 -14.14 -18.79 -2.69
CA ALA A 24 -15.15 -17.99 -3.35
C ALA A 24 -16.01 -17.28 -2.33
N SER A 25 -16.15 -15.98 -2.52
CA SER A 25 -16.96 -15.12 -1.67
C SER A 25 -18.43 -15.40 -2.04
N SER A 26 -19.36 -15.05 -1.15
CA SER A 26 -20.77 -15.41 -1.37
C SER A 26 -21.67 -14.22 -1.64
N TRP A 27 -21.12 -13.01 -1.49
CA TRP A 27 -21.90 -11.78 -1.49
C TRP A 27 -22.13 -11.90 -2.99
N HIS A 28 -23.38 -11.90 -3.43
CA HIS A 28 -23.70 -11.91 -4.86
C HIS A 28 -23.79 -13.38 -5.27
N GLY A 29 -24.68 -14.11 -4.59
CA GLY A 29 -24.74 -15.57 -4.66
C GLY A 29 -24.71 -16.20 -6.03
N LYS A 30 -25.62 -15.80 -6.91
CA LYS A 30 -25.73 -16.35 -8.26
C LYS A 30 -24.47 -16.16 -9.10
N ILE A 31 -23.91 -14.95 -9.09
CA ILE A 31 -22.70 -14.66 -9.85
C ILE A 31 -21.51 -15.44 -9.29
N CYS A 32 -21.44 -15.52 -7.96
CA CYS A 32 -20.36 -16.26 -7.31
C CYS A 32 -20.43 -17.75 -7.62
N ASP A 33 -21.62 -18.33 -7.55
CA ASP A 33 -21.85 -19.72 -7.99
C ASP A 33 -21.39 -19.96 -9.44
N ALA A 34 -21.65 -18.99 -10.31
CA ALA A 34 -21.25 -19.08 -11.70
C ALA A 34 -19.73 -19.08 -11.86
N LEU A 35 -19.05 -18.16 -11.18
CA LEU A 35 -17.60 -18.11 -11.20
C LEU A 35 -16.99 -19.42 -10.70
N LEU A 36 -17.56 -19.98 -9.62
CA LEU A 36 -17.07 -21.22 -9.03
C LEU A 36 -17.24 -22.42 -9.96
N ASP A 37 -18.39 -22.49 -10.59
CA ASP A 37 -18.65 -23.50 -11.62
C ASP A 37 -17.59 -23.46 -12.74
N GLY A 38 -17.29 -22.27 -13.25
CA GLY A 38 -16.24 -22.09 -14.26
C GLY A 38 -14.86 -22.53 -13.81
N ALA A 39 -14.50 -22.14 -12.59
CA ALA A 39 -13.21 -22.52 -11.99
C ALA A 39 -13.13 -24.04 -11.83
N ARG A 40 -14.19 -24.64 -11.31
CA ARG A 40 -14.22 -26.09 -11.11
C ARG A 40 -14.17 -26.89 -12.42
N LYS A 41 -14.78 -26.36 -13.48
CA LYS A 41 -14.78 -27.02 -14.78
C LYS A 41 -13.42 -26.95 -15.48
N VAL A 42 -12.71 -25.84 -15.31
CA VAL A 42 -11.34 -25.72 -15.84
C VAL A 42 -10.47 -26.75 -15.13
N ALA A 43 -10.58 -26.80 -13.81
CA ALA A 43 -9.83 -27.74 -12.99
C ALA A 43 -10.06 -29.18 -13.44
N ALA A 44 -11.32 -29.56 -13.56
CA ALA A 44 -11.70 -30.91 -13.99
C ALA A 44 -11.22 -31.18 -15.42
N GLY A 45 -11.35 -30.19 -16.29
CA GLY A 45 -10.82 -30.26 -17.65
C GLY A 45 -9.33 -30.53 -17.66
N CYS A 46 -8.62 -30.01 -16.65
CA CYS A 46 -7.16 -30.15 -16.56
C CYS A 46 -6.72 -31.36 -15.75
N GLY A 47 -7.66 -32.23 -15.38
CA GLY A 47 -7.34 -33.47 -14.68
C GLY A 47 -7.44 -33.41 -13.16
N LEU A 48 -7.97 -32.31 -12.64
CA LEU A 48 -8.18 -32.10 -11.20
C LEU A 48 -9.66 -32.12 -10.83
N ASP A 49 -10.13 -33.28 -10.36
CA ASP A 49 -11.55 -33.45 -10.03
C ASP A 49 -11.88 -33.08 -8.59
N ASP A 50 -10.85 -32.78 -7.79
CA ASP A 50 -11.04 -32.58 -6.37
C ASP A 50 -10.26 -31.38 -5.80
N PRO A 51 -10.42 -30.18 -6.39
CA PRO A 51 -9.74 -29.06 -5.73
C PRO A 51 -10.41 -28.75 -4.38
N THR A 52 -9.65 -28.17 -3.46
CA THR A 52 -10.17 -27.73 -2.18
C THR A 52 -11.02 -26.49 -2.45
N VAL A 53 -12.29 -26.54 -2.08
CA VAL A 53 -13.19 -25.41 -2.31
C VAL A 53 -13.73 -24.87 -0.99
N VAL A 54 -13.50 -23.59 -0.73
CA VAL A 54 -13.94 -22.96 0.50
C VAL A 54 -14.80 -21.74 0.18
N ARG A 55 -15.92 -21.58 0.87
CA ARG A 55 -16.74 -20.39 0.67
C ARG A 55 -16.57 -19.41 1.82
N VAL A 56 -16.51 -18.12 1.49
CA VAL A 56 -16.49 -17.08 2.51
C VAL A 56 -17.62 -16.09 2.22
N LEU A 57 -17.95 -15.24 3.19
CA LEU A 57 -19.10 -14.36 3.01
C LEU A 57 -18.85 -13.19 2.05
N GLY A 58 -17.79 -12.42 2.29
CA GLY A 58 -17.46 -11.28 1.44
C GLY A 58 -16.05 -11.32 0.90
N ALA A 59 -15.76 -10.47 -0.08
CA ALA A 59 -14.41 -10.41 -0.65
C ALA A 59 -13.32 -10.06 0.37
N ILE A 60 -13.66 -9.25 1.38
CA ILE A 60 -12.66 -8.88 2.38
C ILE A 60 -12.15 -10.10 3.16
N GLU A 61 -12.99 -11.14 3.27
CA GLU A 61 -12.62 -12.36 4.00
C GLU A 61 -11.70 -13.28 3.19
N ILE A 62 -11.56 -13.01 1.90
CA ILE A 62 -10.81 -13.92 1.02
C ILE A 62 -9.33 -14.06 1.40
N PRO A 63 -8.60 -12.92 1.56
CA PRO A 63 -7.14 -13.04 1.81
C PRO A 63 -6.74 -13.90 2.99
N VAL A 64 -7.41 -13.77 4.15
CA VAL A 64 -7.03 -14.56 5.33
C VAL A 64 -7.23 -16.07 5.10
N VAL A 65 -8.28 -16.41 4.36
CA VAL A 65 -8.55 -17.81 4.00
C VAL A 65 -7.55 -18.29 2.93
N ALA A 66 -7.31 -17.46 1.92
CA ALA A 66 -6.26 -17.74 0.92
C ALA A 66 -4.89 -17.97 1.55
N GLN A 67 -4.57 -17.22 2.59
CA GLN A 67 -3.32 -17.41 3.34
C GLN A 67 -3.23 -18.82 3.93
N GLU A 68 -4.31 -19.27 4.55
CA GLU A 68 -4.36 -20.61 5.12
C GLU A 68 -4.21 -21.65 4.01
N LEU A 69 -4.96 -21.48 2.92
CA LEU A 69 -4.94 -22.43 1.80
C LEU A 69 -3.58 -22.50 1.09
N ALA A 70 -2.89 -21.37 1.01
CA ALA A 70 -1.57 -21.34 0.37
C ALA A 70 -0.52 -22.21 1.08
N ARG A 71 -0.75 -22.55 2.35
CA ARG A 71 0.17 -23.41 3.12
C ARG A 71 0.20 -24.88 2.64
N ASN A 72 -0.85 -25.30 1.95
CA ASN A 72 -1.11 -26.71 1.61
C ASN A 72 -1.42 -26.91 0.12
N HIS A 73 -1.28 -25.84 -0.67
CA HIS A 73 -1.64 -25.89 -2.10
C HIS A 73 -0.60 -25.16 -2.97
N ASP A 74 -0.55 -25.52 -4.26
CA ASP A 74 0.39 -24.94 -5.23
C ASP A 74 -0.17 -23.68 -5.89
N ALA A 75 -1.47 -23.49 -5.75
CA ALA A 75 -2.16 -22.37 -6.40
C ALA A 75 -3.50 -22.16 -5.72
N VAL A 76 -3.90 -20.90 -5.60
CA VAL A 76 -5.18 -20.56 -5.01
C VAL A 76 -5.89 -19.63 -6.00
N VAL A 77 -7.17 -19.92 -6.25
CA VAL A 77 -8.01 -19.06 -7.08
C VAL A 77 -8.98 -18.30 -6.18
N ALA A 78 -8.94 -16.97 -6.25
CA ALA A 78 -9.85 -16.15 -5.46
C ALA A 78 -11.00 -15.72 -6.34
N LEU A 79 -12.23 -16.00 -5.90
CA LEU A 79 -13.41 -15.65 -6.68
C LEU A 79 -14.38 -14.80 -5.88
N GLY A 80 -14.95 -13.79 -6.51
CA GLY A 80 -15.97 -12.97 -5.87
C GLY A 80 -16.48 -11.89 -6.80
N VAL A 81 -17.39 -11.07 -6.28
CA VAL A 81 -18.04 -10.02 -7.07
C VAL A 81 -18.19 -8.77 -6.22
N VAL A 82 -17.60 -7.67 -6.67
CA VAL A 82 -17.78 -6.37 -6.03
C VAL A 82 -18.36 -5.39 -7.05
N ILE A 83 -19.51 -4.83 -6.72
CA ILE A 83 -20.20 -3.93 -7.64
C ILE A 83 -20.38 -2.58 -6.99
N ARG A 84 -19.98 -1.52 -7.69
CA ARG A 84 -20.03 -0.17 -7.13
C ARG A 84 -21.47 0.23 -6.85
N GLY A 85 -21.68 0.96 -5.77
CA GLY A 85 -22.99 1.49 -5.45
C GLY A 85 -22.93 3.00 -5.31
N GLN A 86 -23.51 3.51 -4.23
CA GLN A 86 -23.66 4.95 -4.04
C GLN A 86 -22.56 5.56 -3.18
N THR A 87 -21.83 4.73 -2.46
CA THR A 87 -20.82 5.21 -1.51
C THR A 87 -19.41 4.80 -1.95
N PRO A 88 -18.37 5.42 -1.33
CA PRO A 88 -16.98 5.01 -1.56
C PRO A 88 -16.61 3.59 -1.12
N HIS A 89 -17.54 2.89 -0.45
CA HIS A 89 -17.29 1.52 0.03
C HIS A 89 -16.64 0.56 -0.99
N PHE A 90 -17.15 0.59 -2.21
CA PHE A 90 -16.59 -0.18 -3.32
C PHE A 90 -15.07 -0.05 -3.39
N ASP A 91 -14.59 1.19 -3.42
CA ASP A 91 -13.15 1.51 -3.55
C ASP A 91 -12.32 0.78 -2.49
N TYR A 92 -12.80 0.81 -1.25
CA TYR A 92 -12.05 0.28 -0.13
C TYR A 92 -12.12 -1.23 -0.04
N VAL A 93 -13.27 -1.81 -0.42
CA VAL A 93 -13.36 -3.27 -0.55
C VAL A 93 -12.34 -3.76 -1.57
N CYS A 94 -12.31 -3.11 -2.74
CA CYS A 94 -11.38 -3.50 -3.80
C CYS A 94 -9.91 -3.29 -3.40
N ASP A 95 -9.60 -2.16 -2.75
CA ASP A 95 -8.27 -1.91 -2.23
C ASP A 95 -7.81 -3.02 -1.24
N ALA A 96 -8.69 -3.37 -0.30
CA ALA A 96 -8.37 -4.43 0.67
C ALA A 96 -8.06 -5.76 -0.03
N VAL A 97 -8.89 -6.13 -1.02
CA VAL A 97 -8.68 -7.38 -1.73
C VAL A 97 -7.34 -7.38 -2.47
N THR A 98 -7.07 -6.30 -3.21
CA THR A 98 -5.83 -6.19 -3.99
C THR A 98 -4.60 -6.29 -3.08
N GLN A 99 -4.57 -5.48 -2.03
CA GLN A 99 -3.48 -5.45 -1.07
C GLN A 99 -3.29 -6.82 -0.42
N GLY A 100 -4.40 -7.44 0.00
CA GLY A 100 -4.38 -8.72 0.69
C GLY A 100 -3.89 -9.86 -0.19
N LEU A 101 -4.44 -9.98 -1.39
CA LEU A 101 -4.08 -11.06 -2.29
C LEU A 101 -2.63 -10.96 -2.77
N THR A 102 -2.18 -9.74 -3.02
CA THR A 102 -0.80 -9.50 -3.43
C THR A 102 0.16 -9.91 -2.30
N ARG A 103 -0.12 -9.45 -1.08
CA ARG A 103 0.70 -9.84 0.07
C ARG A 103 0.75 -11.37 0.25
N VAL A 104 -0.42 -12.01 0.24
CA VAL A 104 -0.50 -13.47 0.44
C VAL A 104 0.34 -14.23 -0.59
N SER A 105 0.24 -13.84 -1.86
CA SER A 105 0.98 -14.51 -2.92
C SER A 105 2.50 -14.44 -2.71
N LEU A 106 3.00 -13.28 -2.30
CA LEU A 106 4.43 -13.10 -2.10
C LEU A 106 4.93 -13.67 -0.77
N ASP A 107 4.12 -13.59 0.28
CA ASP A 107 4.45 -14.21 1.58
C ASP A 107 4.62 -15.71 1.39
N SER A 108 3.72 -16.31 0.61
CA SER A 108 3.66 -17.77 0.46
C SER A 108 4.39 -18.28 -0.77
N SER A 109 4.86 -17.36 -1.62
CA SER A 109 5.50 -17.72 -2.92
C SER A 109 4.59 -18.66 -3.72
N THR A 110 3.30 -18.32 -3.76
CA THR A 110 2.26 -19.15 -4.36
C THR A 110 1.34 -18.26 -5.19
N PRO A 111 1.03 -18.66 -6.44
CA PRO A 111 0.12 -17.86 -7.25
C PRO A 111 -1.26 -17.82 -6.61
N ILE A 112 -1.79 -16.62 -6.45
CA ILE A 112 -3.16 -16.41 -6.01
C ILE A 112 -3.83 -15.65 -7.16
N ALA A 113 -4.56 -16.38 -7.99
CA ALA A 113 -5.17 -15.80 -9.18
C ALA A 113 -6.37 -14.95 -8.76
N ASN A 114 -6.51 -13.78 -9.38
CA ASN A 114 -7.59 -12.88 -9.01
C ASN A 114 -8.78 -13.04 -9.97
N GLY A 115 -9.80 -13.75 -9.50
CA GLY A 115 -11.07 -13.88 -10.22
C GLY A 115 -12.17 -13.15 -9.47
N VAL A 116 -11.80 -12.06 -8.81
CA VAL A 116 -12.75 -11.24 -8.09
C VAL A 116 -13.17 -10.13 -9.03
N LEU A 117 -14.43 -10.16 -9.44
CA LEU A 117 -15.00 -9.14 -10.33
C LEU A 117 -15.11 -7.82 -9.60
N THR A 118 -14.69 -6.75 -10.24
CA THR A 118 -14.84 -5.40 -9.69
C THR A 118 -15.48 -4.53 -10.76
N THR A 119 -16.79 -4.36 -10.67
CA THR A 119 -17.54 -3.71 -11.75
C THR A 119 -18.34 -2.50 -11.28
N ASN A 120 -18.71 -1.66 -12.24
CA ASN A 120 -19.57 -0.53 -11.99
C ASN A 120 -21.03 -0.90 -11.94
N THR A 121 -21.42 -1.93 -12.70
CA THR A 121 -22.82 -2.32 -12.81
C THR A 121 -23.00 -3.82 -12.62
N GLU A 122 -24.20 -4.24 -12.23
CA GLU A 122 -24.50 -5.66 -12.09
C GLU A 122 -24.41 -6.31 -13.47
N GLU A 123 -24.89 -5.60 -14.49
CA GLU A 123 -24.87 -6.07 -15.88
C GLU A 123 -23.47 -6.43 -16.32
N GLN A 124 -22.50 -5.59 -15.95
CA GLN A 124 -21.09 -5.85 -16.22
C GLN A 124 -20.60 -7.12 -15.52
N ALA A 125 -21.00 -7.30 -14.26
CA ALA A 125 -20.58 -8.48 -13.52
C ALA A 125 -21.18 -9.76 -14.12
N LEU A 126 -22.47 -9.68 -14.47
CA LEU A 126 -23.16 -10.81 -15.08
C LEU A 126 -22.49 -11.21 -16.40
N ASP A 127 -22.04 -10.21 -17.16
CA ASP A 127 -21.39 -10.43 -18.46
C ASP A 127 -19.99 -11.07 -18.34
N ARG A 128 -19.49 -11.20 -17.12
CA ARG A 128 -18.12 -11.66 -16.88
C ARG A 128 -18.04 -12.89 -15.97
N ALA A 129 -19.19 -13.45 -15.62
CA ALA A 129 -19.24 -14.56 -14.67
C ALA A 129 -19.40 -15.90 -15.37
N GLY A 130 -19.45 -15.89 -16.70
CA GLY A 130 -19.67 -17.11 -17.48
C GLY A 130 -21.00 -17.79 -17.21
N LEU A 131 -22.03 -16.98 -16.98
CA LEU A 131 -23.42 -17.45 -16.99
C LEU A 131 -23.79 -17.75 -18.44
N PRO A 132 -24.94 -18.40 -18.68
CA PRO A 132 -25.24 -18.81 -20.07
C PRO A 132 -25.04 -17.70 -21.13
N THR A 133 -25.51 -16.48 -20.85
CA THR A 133 -25.44 -15.40 -21.85
C THR A 133 -24.22 -14.48 -21.71
N SER A 134 -23.31 -14.80 -20.79
CA SER A 134 -22.13 -13.95 -20.54
C SER A 134 -21.14 -13.99 -21.71
N ALA A 135 -20.44 -12.87 -21.91
CA ALA A 135 -19.40 -12.79 -22.95
C ALA A 135 -18.12 -13.50 -22.52
N GLU A 136 -17.88 -13.54 -21.21
CA GLU A 136 -16.69 -14.22 -20.67
C GLU A 136 -16.90 -14.80 -19.28
N ASP A 137 -15.90 -15.55 -18.80
CA ASP A 137 -15.93 -16.16 -17.48
C ASP A 137 -14.60 -15.90 -16.81
N LYS A 138 -14.59 -14.95 -15.88
CA LYS A 138 -13.34 -14.60 -15.19
C LYS A 138 -12.91 -15.68 -14.21
N GLY A 139 -13.86 -16.48 -13.75
CA GLY A 139 -13.58 -17.61 -12.86
C GLY A 139 -12.74 -18.66 -13.58
N ALA A 140 -13.18 -18.99 -14.79
CA ALA A 140 -12.43 -19.91 -15.66
C ALA A 140 -11.05 -19.35 -16.02
N GLN A 141 -10.98 -18.09 -16.41
CA GLN A 141 -9.70 -17.45 -16.76
C GLN A 141 -8.73 -17.45 -15.59
N ALA A 142 -9.24 -17.09 -14.41
CA ALA A 142 -8.42 -17.07 -13.20
C ALA A 142 -7.85 -18.45 -12.86
N THR A 143 -8.60 -19.50 -13.15
CA THR A 143 -8.13 -20.86 -12.87
C THR A 143 -7.02 -21.31 -13.84
N VAL A 144 -7.17 -20.97 -15.12
CA VAL A 144 -6.10 -21.24 -16.09
C VAL A 144 -4.80 -20.53 -15.66
N ALA A 145 -4.93 -19.27 -15.24
CA ALA A 145 -3.78 -18.48 -14.79
C ALA A 145 -3.08 -19.13 -13.62
N ALA A 146 -3.86 -19.53 -12.61
CA ALA A 146 -3.35 -20.20 -11.41
C ALA A 146 -2.61 -21.49 -11.77
N LEU A 147 -3.22 -22.35 -12.57
CA LEU A 147 -2.60 -23.62 -12.94
C LEU A 147 -1.34 -23.41 -13.77
N ALA A 148 -1.41 -22.53 -14.75
CA ALA A 148 -0.28 -22.25 -15.63
C ALA A 148 0.91 -21.73 -14.82
N THR A 149 0.65 -20.89 -13.83
CA THR A 149 1.72 -20.29 -13.02
C THR A 149 2.34 -21.34 -12.08
N ALA A 150 1.50 -22.19 -11.48
CA ALA A 150 1.99 -23.30 -10.64
C ALA A 150 2.94 -24.21 -11.41
N LEU A 151 2.53 -24.59 -12.62
CA LEU A 151 3.35 -25.43 -13.50
C LEU A 151 4.67 -24.77 -13.87
N THR A 152 4.62 -23.47 -14.16
CA THR A 152 5.81 -22.70 -14.49
C THR A 152 6.77 -22.63 -13.30
N LEU A 153 6.23 -22.37 -12.11
CA LEU A 153 7.05 -22.36 -10.90
C LEU A 153 7.65 -23.72 -10.58
N ARG A 154 6.88 -24.78 -10.78
CA ARG A 154 7.37 -26.15 -10.60
C ARG A 154 8.61 -26.39 -11.47
N GLU A 155 8.56 -25.93 -12.72
CA GLU A 155 9.67 -26.07 -13.65
C GLU A 155 10.89 -25.22 -13.26
N LEU A 156 10.64 -24.03 -12.72
CA LEU A 156 11.72 -23.12 -12.31
C LEU A 156 12.43 -23.56 -11.02
N ARG A 157 11.70 -24.25 -10.14
CA ARG A 157 12.24 -24.60 -8.81
C ARG A 157 13.09 -25.87 -8.80
N ALA A 158 13.57 -26.26 -7.63
CA ALA A 158 14.54 -27.35 -7.48
C ALA A 158 13.99 -28.70 -7.88
N HIS A 159 14.66 -29.32 -8.85
CA HIS A 159 14.45 -30.72 -9.21
C HIS A 159 15.71 -31.25 -9.89
N SER A 160 15.99 -32.53 -9.69
CA SER A 160 17.24 -33.16 -10.15
C SER A 160 17.21 -34.66 -9.93
N ALA B 15 -21.57 -21.13 16.76
CA ALA B 15 -20.22 -20.52 16.95
C ALA B 15 -19.86 -20.34 18.42
N SER B 16 -20.58 -21.02 19.32
CA SER B 16 -20.43 -20.75 20.76
C SER B 16 -19.01 -20.90 21.32
N GLY B 17 -18.14 -21.60 20.59
CA GLY B 17 -16.75 -21.75 21.00
C GLY B 17 -15.80 -20.72 20.41
N VAL B 18 -16.28 -19.85 19.54
CA VAL B 18 -15.40 -18.84 18.94
C VAL B 18 -15.24 -17.65 19.88
N ARG B 19 -14.02 -17.14 19.98
CA ARG B 19 -13.73 -16.00 20.83
C ARG B 19 -13.77 -14.74 19.98
N LEU B 20 -14.79 -13.92 20.21
CA LEU B 20 -15.03 -12.74 19.40
C LEU B 20 -14.70 -11.44 20.13
N ALA B 21 -14.04 -10.54 19.42
CA ALA B 21 -13.78 -9.21 19.93
C ALA B 21 -14.41 -8.20 18.99
N ILE B 22 -14.87 -7.09 19.54
CA ILE B 22 -15.44 -6.02 18.74
C ILE B 22 -14.75 -4.73 19.14
N VAL B 23 -14.19 -4.02 18.18
CA VAL B 23 -13.61 -2.70 18.43
C VAL B 23 -14.40 -1.66 17.64
N ALA B 24 -14.91 -0.66 18.35
CA ALA B 24 -15.83 0.30 17.77
C ALA B 24 -15.36 1.73 18.02
N SER B 25 -15.22 2.48 16.93
CA SER B 25 -14.86 3.89 16.97
C SER B 25 -16.07 4.70 17.43
N SER B 26 -15.82 5.77 18.16
CA SER B 26 -16.84 6.61 18.78
C SER B 26 -17.13 7.85 17.96
N TRP B 27 -16.36 8.11 16.91
CA TRP B 27 -16.76 9.25 16.06
C TRP B 27 -18.14 8.79 15.63
N HIS B 28 -19.07 9.72 15.55
CA HIS B 28 -20.52 9.46 15.24
C HIS B 28 -21.09 8.40 16.18
N GLY B 29 -21.33 8.88 17.40
CA GLY B 29 -21.82 8.07 18.52
C GLY B 29 -23.07 7.25 18.27
N LYS B 30 -24.15 7.90 17.86
CA LYS B 30 -25.43 7.23 17.66
C LYS B 30 -25.31 6.09 16.65
N ILE B 31 -24.69 6.36 15.51
CA ILE B 31 -24.50 5.36 14.47
C ILE B 31 -23.60 4.20 14.95
N CYS B 32 -22.51 4.53 15.65
CA CYS B 32 -21.67 3.51 16.28
C CYS B 32 -22.48 2.57 17.18
N ASP B 33 -23.30 3.14 18.05
CA ASP B 33 -24.15 2.36 18.94
C ASP B 33 -25.04 1.39 18.19
N ALA B 34 -25.57 1.84 17.05
CA ALA B 34 -26.44 1.03 16.23
C ALA B 34 -25.67 -0.13 15.59
N LEU B 35 -24.51 0.15 15.03
CA LEU B 35 -23.64 -0.91 14.49
C LEU B 35 -23.31 -1.94 15.56
N LEU B 36 -22.97 -1.46 16.75
CA LEU B 36 -22.61 -2.34 17.87
C LEU B 36 -23.77 -3.25 18.28
N ASP B 37 -24.98 -2.68 18.29
CA ASP B 37 -26.18 -3.44 18.63
C ASP B 37 -26.38 -4.58 17.63
N GLY B 38 -26.24 -4.28 16.33
CA GLY B 38 -26.33 -5.31 15.29
C GLY B 38 -25.28 -6.40 15.46
N ALA B 39 -24.05 -5.98 15.77
CA ALA B 39 -22.95 -6.91 15.99
C ALA B 39 -23.23 -7.85 17.18
N ARG B 40 -23.65 -7.27 18.30
CA ARG B 40 -23.93 -8.04 19.51
C ARG B 40 -25.11 -8.99 19.32
N LYS B 41 -26.10 -8.58 18.52
CA LYS B 41 -27.28 -9.42 18.26
C LYS B 41 -26.94 -10.65 17.43
N VAL B 42 -26.08 -10.46 16.42
CA VAL B 42 -25.59 -11.58 15.60
C VAL B 42 -24.80 -12.53 16.49
N ALA B 43 -23.88 -11.97 17.27
CA ALA B 43 -23.06 -12.77 18.17
C ALA B 43 -23.95 -13.59 19.11
N ALA B 44 -24.95 -12.94 19.72
CA ALA B 44 -25.84 -13.62 20.67
C ALA B 44 -26.65 -14.71 19.98
N GLY B 45 -27.04 -14.45 18.72
CA GLY B 45 -27.84 -15.39 17.94
C GLY B 45 -27.04 -16.64 17.59
N CYS B 46 -25.72 -16.49 17.52
CA CYS B 46 -24.83 -17.58 17.20
C CYS B 46 -24.25 -18.26 18.44
N GLY B 47 -24.72 -17.83 19.61
CA GLY B 47 -24.38 -18.49 20.88
C GLY B 47 -23.32 -17.79 21.71
N LEU B 48 -23.00 -16.54 21.36
CA LEU B 48 -21.98 -15.75 22.08
C LEU B 48 -22.57 -14.53 22.77
N ASP B 49 -22.76 -14.63 24.08
CA ASP B 49 -23.38 -13.56 24.88
C ASP B 49 -22.38 -12.55 25.42
N ASP B 50 -21.09 -12.86 25.33
CA ASP B 50 -20.07 -12.06 26.02
C ASP B 50 -18.82 -11.77 25.18
N PRO B 51 -18.98 -11.13 23.99
CA PRO B 51 -17.79 -10.76 23.24
C PRO B 51 -17.01 -9.65 23.94
N THR B 52 -15.70 -9.60 23.71
CA THR B 52 -14.88 -8.51 24.20
C THR B 52 -15.24 -7.29 23.37
N VAL B 53 -15.66 -6.22 24.04
CA VAL B 53 -15.99 -4.99 23.33
C VAL B 53 -15.09 -3.86 23.83
N VAL B 54 -14.42 -3.20 22.88
CA VAL B 54 -13.52 -2.08 23.19
C VAL B 54 -13.93 -0.86 22.37
N ARG B 55 -13.96 0.31 23.02
CA ARG B 55 -14.26 1.55 22.32
C ARG B 55 -12.98 2.34 22.09
N VAL B 56 -12.88 2.93 20.89
CA VAL B 56 -11.80 3.86 20.56
C VAL B 56 -12.39 5.17 20.06
N LEU B 57 -11.59 6.24 20.05
CA LEU B 57 -12.13 7.55 19.70
C LEU B 57 -12.39 7.75 18.20
N GLY B 58 -11.45 7.32 17.37
CA GLY B 58 -11.60 7.48 15.92
C GLY B 58 -11.23 6.23 15.14
N ALA B 59 -11.67 6.17 13.89
CA ALA B 59 -11.36 5.04 13.02
C ALA B 59 -9.86 4.77 12.89
N ILE B 60 -9.03 5.82 12.87
CA ILE B 60 -7.58 5.61 12.73
C ILE B 60 -6.97 4.82 13.90
N GLU B 61 -7.62 4.88 15.06
CA GLU B 61 -7.18 4.15 16.25
C GLU B 61 -7.54 2.65 16.23
N ILE B 62 -8.46 2.25 15.36
CA ILE B 62 -8.92 0.86 15.33
C ILE B 62 -7.81 -0.19 15.09
N PRO B 63 -6.99 -0.02 14.04
CA PRO B 63 -6.03 -1.09 13.74
C PRO B 63 -5.11 -1.49 14.89
N VAL B 64 -4.51 -0.52 15.59
CA VAL B 64 -3.60 -0.85 16.69
C VAL B 64 -4.30 -1.64 17.82
N VAL B 65 -5.56 -1.30 18.09
CA VAL B 65 -6.38 -2.01 19.08
C VAL B 65 -6.83 -3.38 18.57
N ALA B 66 -7.22 -3.46 17.30
CA ALA B 66 -7.54 -4.76 16.70
C ALA B 66 -6.34 -5.70 16.75
N GLN B 67 -5.14 -5.14 16.56
CA GLN B 67 -3.90 -5.92 16.64
C GLN B 67 -3.76 -6.58 18.01
N GLU B 68 -3.96 -5.79 19.06
CA GLU B 68 -3.92 -6.29 20.41
C GLU B 68 -5.00 -7.37 20.62
N LEU B 69 -6.22 -7.10 20.14
CA LEU B 69 -7.33 -8.03 20.33
C LEU B 69 -7.12 -9.34 19.60
N ALA B 70 -6.50 -9.28 18.42
CA ALA B 70 -6.23 -10.47 17.61
C ALA B 70 -5.33 -11.48 18.30
N ARG B 71 -4.51 -11.03 19.26
CA ARG B 71 -3.63 -11.93 20.03
C ARG B 71 -4.41 -12.91 20.93
N ASN B 72 -5.64 -12.56 21.28
CA ASN B 72 -6.44 -13.26 22.30
C ASN B 72 -7.82 -13.72 21.79
N HIS B 73 -8.11 -13.51 20.50
CA HIS B 73 -9.43 -13.82 19.94
C HIS B 73 -9.34 -14.48 18.57
N ASP B 74 -10.41 -15.16 18.19
CA ASP B 74 -10.50 -15.89 16.92
C ASP B 74 -10.98 -15.02 15.79
N ALA B 75 -11.60 -13.90 16.14
CA ALA B 75 -12.12 -12.97 15.14
C ALA B 75 -12.30 -11.61 15.79
N VAL B 76 -12.12 -10.58 14.99
CA VAL B 76 -12.30 -9.21 15.45
C VAL B 76 -13.21 -8.49 14.46
N VAL B 77 -14.19 -7.77 14.99
CA VAL B 77 -15.07 -6.94 14.17
C VAL B 77 -14.73 -5.48 14.42
N ALA B 78 -14.33 -4.78 13.35
CA ALA B 78 -14.09 -3.35 13.42
C ALA B 78 -15.34 -2.58 13.02
N LEU B 79 -15.80 -1.69 13.89
CA LEU B 79 -17.00 -0.90 13.65
C LEU B 79 -16.66 0.59 13.72
N GLY B 80 -17.32 1.37 12.88
CA GLY B 80 -17.08 2.81 12.86
C GLY B 80 -17.80 3.50 11.73
N VAL B 81 -17.67 4.81 11.66
CA VAL B 81 -18.41 5.65 10.73
C VAL B 81 -17.49 6.76 10.25
N VAL B 82 -17.15 6.76 8.96
CA VAL B 82 -16.40 7.84 8.35
C VAL B 82 -17.28 8.49 7.27
N ILE B 83 -17.59 9.76 7.47
CA ILE B 83 -18.49 10.49 6.57
C ILE B 83 -17.71 11.60 5.90
N ARG B 84 -17.77 11.66 4.57
CA ARG B 84 -16.98 12.63 3.81
C ARG B 84 -17.40 14.06 4.11
N GLY B 85 -16.41 14.96 4.16
CA GLY B 85 -16.67 16.39 4.33
C GLY B 85 -16.11 17.22 3.19
N GLN B 86 -15.44 18.31 3.56
CA GLN B 86 -15.01 19.33 2.60
C GLN B 86 -13.57 19.15 2.10
N THR B 87 -12.78 18.39 2.84
CA THR B 87 -11.36 18.20 2.52
C THR B 87 -11.09 16.75 2.07
N PRO B 88 -9.92 16.49 1.45
CA PRO B 88 -9.48 15.12 1.15
C PRO B 88 -9.26 14.23 2.37
N HIS B 89 -9.38 14.77 3.58
CA HIS B 89 -9.07 14.02 4.80
C HIS B 89 -9.83 12.69 4.94
N PHE B 90 -11.10 12.67 4.51
CA PHE B 90 -11.88 11.42 4.42
C PHE B 90 -11.09 10.30 3.72
N ASP B 91 -10.52 10.61 2.56
CA ASP B 91 -9.76 9.64 1.76
C ASP B 91 -8.65 8.97 2.55
N TYR B 92 -7.95 9.76 3.34
CA TYR B 92 -6.74 9.29 4.02
C TYR B 92 -7.07 8.53 5.30
N VAL B 93 -8.16 8.91 5.95
CA VAL B 93 -8.69 8.12 7.07
C VAL B 93 -9.07 6.72 6.57
N CYS B 94 -9.82 6.66 5.48
CA CYS B 94 -10.27 5.39 4.92
C CYS B 94 -9.10 4.53 4.42
N ASP B 95 -8.14 5.16 3.73
CA ASP B 95 -6.89 4.50 3.35
C ASP B 95 -6.17 3.87 4.54
N ALA B 96 -6.00 4.64 5.61
CA ALA B 96 -5.34 4.17 6.82
C ALA B 96 -6.05 2.94 7.42
N VAL B 97 -7.37 3.01 7.58
CA VAL B 97 -8.16 1.90 8.10
C VAL B 97 -8.02 0.67 7.21
N THR B 98 -8.19 0.86 5.90
CA THR B 98 -8.07 -0.25 4.95
C THR B 98 -6.70 -0.93 5.06
N GLN B 99 -5.64 -0.13 4.99
CA GLN B 99 -4.27 -0.65 5.07
C GLN B 99 -4.00 -1.38 6.39
N GLY B 100 -4.47 -0.77 7.47
CA GLY B 100 -4.24 -1.28 8.81
C GLY B 100 -4.93 -2.61 9.09
N LEU B 101 -6.24 -2.64 8.84
CA LEU B 101 -7.03 -3.85 9.09
C LEU B 101 -6.56 -5.01 8.24
N THR B 102 -6.20 -4.73 7.00
CA THR B 102 -5.71 -5.76 6.10
C THR B 102 -4.40 -6.35 6.62
N ARG B 103 -3.46 -5.49 7.01
CA ARG B 103 -2.22 -5.98 7.61
C ARG B 103 -2.42 -6.78 8.91
N VAL B 104 -3.26 -6.26 9.81
CA VAL B 104 -3.53 -6.94 11.09
C VAL B 104 -4.06 -8.35 10.87
N SER B 105 -5.01 -8.51 9.92
CA SER B 105 -5.58 -9.82 9.62
C SER B 105 -4.53 -10.82 9.16
N LEU B 106 -3.63 -10.38 8.29
CA LEU B 106 -2.64 -11.28 7.73
C LEU B 106 -1.45 -11.56 8.67
N ASP B 107 -1.02 -10.53 9.41
CA ASP B 107 -0.02 -10.69 10.48
C ASP B 107 -0.47 -11.72 11.50
N SER B 108 -1.73 -11.61 11.93
CA SER B 108 -2.28 -12.43 13.01
C SER B 108 -2.97 -13.70 12.52
N SER B 109 -3.13 -13.85 11.20
CA SER B 109 -3.89 -14.97 10.61
C SER B 109 -5.27 -15.09 11.29
N THR B 110 -5.92 -13.94 11.44
CA THR B 110 -7.19 -13.84 12.15
C THR B 110 -8.13 -12.96 11.31
N PRO B 111 -9.39 -13.41 11.12
CA PRO B 111 -10.33 -12.54 10.40
C PRO B 111 -10.53 -11.24 11.18
N ILE B 112 -10.33 -10.12 10.49
CA ILE B 112 -10.69 -8.80 11.01
C ILE B 112 -11.76 -8.25 10.08
N ALA B 113 -13.02 -8.32 10.52
CA ALA B 113 -14.14 -7.93 9.68
C ALA B 113 -14.26 -6.41 9.66
N ASN B 114 -14.48 -5.84 8.48
CA ASN B 114 -14.57 -4.40 8.29
C ASN B 114 -16.01 -3.93 8.28
N GLY B 115 -16.49 -3.48 9.45
CA GLY B 115 -17.82 -2.89 9.57
C GLY B 115 -17.68 -1.39 9.77
N VAL B 116 -16.65 -0.81 9.15
CA VAL B 116 -16.45 0.63 9.23
C VAL B 116 -17.17 1.24 8.03
N LEU B 117 -18.27 1.94 8.29
CA LEU B 117 -19.00 2.64 7.23
C LEU B 117 -18.15 3.75 6.64
N THR B 118 -18.16 3.86 5.32
CA THR B 118 -17.47 4.95 4.64
C THR B 118 -18.45 5.54 3.63
N THR B 119 -19.08 6.65 4.00
CA THR B 119 -20.17 7.20 3.19
C THR B 119 -19.95 8.66 2.83
N ASN B 120 -20.67 9.11 1.80
CA ASN B 120 -20.67 10.52 1.42
C ASN B 120 -21.56 11.38 2.30
N THR B 121 -22.63 10.81 2.84
CA THR B 121 -23.58 11.56 3.68
C THR B 121 -23.91 10.84 4.98
N GLU B 122 -24.46 11.60 5.93
CA GLU B 122 -24.99 11.05 7.17
C GLU B 122 -26.21 10.15 6.87
N GLU B 123 -27.04 10.60 5.92
CA GLU B 123 -28.19 9.82 5.41
C GLU B 123 -27.79 8.41 5.02
N GLN B 124 -26.73 8.28 4.21
CA GLN B 124 -26.24 6.98 3.76
C GLN B 124 -25.75 6.11 4.93
N ALA B 125 -25.10 6.74 5.91
CA ALA B 125 -24.57 6.00 7.05
C ALA B 125 -25.71 5.42 7.89
N LEU B 126 -26.75 6.24 8.11
CA LEU B 126 -27.92 5.82 8.87
C LEU B 126 -28.65 4.63 8.22
N ASP B 127 -28.71 4.65 6.90
CA ASP B 127 -29.37 3.62 6.10
C ASP B 127 -28.60 2.28 6.05
N ARG B 128 -27.38 2.27 6.61
CA ARG B 128 -26.55 1.08 6.60
C ARG B 128 -26.20 0.61 8.02
N ALA B 129 -26.83 1.24 9.01
CA ALA B 129 -26.51 1.01 10.42
C ALA B 129 -27.53 0.10 11.09
N GLY B 130 -28.53 -0.34 10.34
CA GLY B 130 -29.56 -1.21 10.87
C GLY B 130 -30.43 -0.57 11.95
N LEU B 131 -30.74 0.71 11.79
CA LEU B 131 -31.81 1.32 12.56
C LEU B 131 -33.14 0.74 12.04
N PRO B 132 -34.27 1.03 12.73
CA PRO B 132 -35.55 0.48 12.28
C PRO B 132 -35.85 0.64 10.78
N THR B 133 -35.58 1.80 10.20
CA THR B 133 -35.92 2.03 8.79
C THR B 133 -34.72 1.92 7.85
N SER B 134 -33.60 1.43 8.35
CA SER B 134 -32.40 1.21 7.55
C SER B 134 -32.58 0.09 6.53
N ALA B 135 -31.92 0.22 5.39
CA ALA B 135 -31.95 -0.81 4.34
C ALA B 135 -31.11 -2.03 4.70
N GLU B 136 -30.02 -1.80 5.43
CA GLU B 136 -29.15 -2.88 5.84
C GLU B 136 -28.43 -2.56 7.15
N ASP B 137 -27.75 -3.56 7.70
CA ASP B 137 -26.99 -3.41 8.93
C ASP B 137 -25.60 -3.96 8.73
N LYS B 138 -24.65 -3.08 8.45
CA LYS B 138 -23.32 -3.54 8.12
C LYS B 138 -22.54 -4.03 9.35
N GLY B 139 -22.99 -3.61 10.53
CA GLY B 139 -22.45 -4.10 11.80
C GLY B 139 -22.79 -5.57 12.00
N ALA B 140 -24.05 -5.91 11.73
CA ALA B 140 -24.50 -7.31 11.71
C ALA B 140 -23.77 -8.11 10.62
N GLN B 141 -23.69 -7.57 9.41
CA GLN B 141 -23.01 -8.24 8.29
C GLN B 141 -21.55 -8.55 8.62
N ALA B 142 -20.84 -7.56 9.17
CA ALA B 142 -19.42 -7.74 9.52
C ALA B 142 -19.25 -8.83 10.58
N THR B 143 -20.21 -8.96 11.49
CA THR B 143 -20.10 -9.96 12.55
C THR B 143 -20.36 -11.37 12.00
N VAL B 144 -21.35 -11.51 11.13
CA VAL B 144 -21.55 -12.79 10.45
C VAL B 144 -20.27 -13.16 9.69
N ALA B 145 -19.67 -12.19 9.01
CA ALA B 145 -18.43 -12.46 8.26
C ALA B 145 -17.31 -12.93 9.17
N ALA B 146 -17.10 -12.24 10.28
CA ALA B 146 -16.06 -12.60 11.23
C ALA B 146 -16.25 -14.01 11.78
N LEU B 147 -17.48 -14.33 12.18
CA LEU B 147 -17.77 -15.62 12.80
C LEU B 147 -17.69 -16.76 11.79
N ALA B 148 -18.28 -16.56 10.61
CA ALA B 148 -18.22 -17.58 9.56
C ALA B 148 -16.78 -17.86 9.16
N THR B 149 -15.94 -16.84 9.10
CA THR B 149 -14.54 -17.04 8.67
C THR B 149 -13.73 -17.76 9.75
N ALA B 150 -13.98 -17.43 11.02
CA ALA B 150 -13.35 -18.13 12.14
C ALA B 150 -13.69 -19.62 12.14
N LEU B 151 -14.98 -19.95 11.93
CA LEU B 151 -15.42 -21.36 11.87
C LEU B 151 -14.80 -22.11 10.70
N THR B 152 -14.78 -21.44 9.55
CA THR B 152 -14.08 -21.96 8.37
C THR B 152 -12.59 -22.24 8.63
N LEU B 153 -11.89 -21.29 9.25
CA LEU B 153 -10.47 -21.47 9.55
C LEU B 153 -10.23 -22.60 10.55
N ARG B 154 -11.14 -22.74 11.51
CA ARG B 154 -11.05 -23.83 12.50
C ARG B 154 -11.07 -25.20 11.82
N GLU B 155 -11.94 -25.33 10.83
CA GLU B 155 -12.12 -26.56 10.08
C GLU B 155 -10.92 -26.84 9.16
N LEU B 156 -10.34 -25.79 8.59
CA LEU B 156 -9.18 -25.95 7.72
C LEU B 156 -7.89 -26.27 8.48
N ARG B 157 -7.78 -25.77 9.71
CA ARG B 157 -6.57 -25.93 10.51
C ARG B 157 -6.52 -27.26 11.24
N ALA B 158 -5.46 -27.47 12.03
CA ALA B 158 -5.16 -28.77 12.63
C ALA B 158 -6.18 -29.23 13.68
N HIS B 159 -6.73 -30.42 13.48
CA HIS B 159 -7.57 -31.07 14.49
C HIS B 159 -7.62 -32.57 14.25
N SER B 160 -8.08 -33.30 15.27
CA SER B 160 -8.13 -34.76 15.25
C SER B 160 -9.37 -35.23 16.01
N ALA C 15 -4.68 9.91 33.31
CA ALA C 15 -3.79 9.84 32.11
C ALA C 15 -2.37 10.32 32.42
N SER C 16 -2.14 10.75 33.66
CA SER C 16 -0.87 11.38 34.06
C SER C 16 0.39 10.51 33.91
N GLY C 17 0.23 9.20 33.75
CA GLY C 17 1.36 8.28 33.61
C GLY C 17 1.74 7.88 32.18
N VAL C 18 0.99 8.37 31.20
CA VAL C 18 1.33 8.09 29.80
C VAL C 18 2.52 8.91 29.34
N ARG C 19 3.47 8.24 28.69
CA ARG C 19 4.63 8.88 28.10
C ARG C 19 4.26 9.29 26.68
N LEU C 20 4.13 10.59 26.47
CA LEU C 20 3.65 11.13 25.21
C LEU C 20 4.78 11.80 24.43
N ALA C 21 4.85 11.50 23.13
CA ALA C 21 5.70 12.23 22.21
C ALA C 21 4.89 12.96 21.15
N ILE C 22 5.35 14.13 20.76
CA ILE C 22 4.74 14.86 19.65
C ILE C 22 5.79 15.16 18.58
N VAL C 23 5.47 14.82 17.34
CA VAL C 23 6.32 15.20 16.22
C VAL C 23 5.54 16.10 15.27
N ALA C 24 6.06 17.29 15.03
CA ALA C 24 5.35 18.29 14.23
C ALA C 24 6.22 18.77 13.10
N SER C 25 5.71 18.70 11.87
CA SER C 25 6.43 19.25 10.72
C SER C 25 6.35 20.78 10.75
N SER C 26 7.23 21.44 10.01
CA SER C 26 7.37 22.90 10.11
C SER C 26 6.78 23.63 8.91
N TRP C 27 6.45 22.86 7.88
CA TRP C 27 5.87 23.37 6.64
C TRP C 27 4.53 24.01 6.97
N HIS C 28 4.36 25.28 6.62
CA HIS C 28 3.23 26.12 7.10
C HIS C 28 3.37 26.31 8.62
N GLY C 29 4.31 27.16 9.01
CA GLY C 29 4.73 27.32 10.40
C GLY C 29 3.69 27.79 11.40
N LYS C 30 2.93 28.81 11.03
CA LYS C 30 1.87 29.37 11.89
C LYS C 30 0.81 28.32 12.23
N ILE C 31 0.29 27.64 11.21
CA ILE C 31 -0.73 26.61 11.39
C ILE C 31 -0.16 25.43 12.18
N CYS C 32 1.10 25.09 11.93
CA CYS C 32 1.79 24.03 12.68
C CYS C 32 1.95 24.38 14.15
N ASP C 33 2.25 25.65 14.44
CA ASP C 33 2.34 26.13 15.82
C ASP C 33 0.98 26.06 16.54
N ALA C 34 -0.09 26.38 15.83
CA ALA C 34 -1.45 26.32 16.39
C ALA C 34 -1.82 24.88 16.79
N LEU C 35 -1.56 23.92 15.91
CA LEU C 35 -1.82 22.51 16.23
C LEU C 35 -1.07 22.08 17.49
N LEU C 36 0.20 22.47 17.56
CA LEU C 36 1.08 22.13 18.67
C LEU C 36 0.60 22.71 20.00
N ASP C 37 0.08 23.94 19.97
CA ASP C 37 -0.47 24.57 21.17
C ASP C 37 -1.68 23.79 21.68
N GLY C 38 -2.54 23.36 20.77
CA GLY C 38 -3.70 22.54 21.11
C GLY C 38 -3.30 21.20 21.72
N ALA C 39 -2.26 20.59 21.16
CA ALA C 39 -1.71 19.34 21.66
C ALA C 39 -1.15 19.50 23.08
N ARG C 40 -0.30 20.51 23.27
CA ARG C 40 0.34 20.78 24.56
C ARG C 40 -0.69 21.12 25.65
N LYS C 41 -1.74 21.83 25.26
CA LYS C 41 -2.83 22.19 26.19
C LYS C 41 -3.58 20.96 26.71
N VAL C 42 -3.90 20.03 25.82
CA VAL C 42 -4.53 18.77 26.22
C VAL C 42 -3.61 17.98 27.16
N ALA C 43 -2.34 17.86 26.77
CA ALA C 43 -1.36 17.12 27.57
C ALA C 43 -1.23 17.71 28.97
N ALA C 44 -1.10 19.03 29.05
CA ALA C 44 -1.05 19.72 30.34
C ALA C 44 -2.35 19.53 31.13
N GLY C 45 -3.47 19.60 30.43
CA GLY C 45 -4.79 19.44 31.04
C GLY C 45 -5.03 18.05 31.61
N CYS C 46 -4.36 17.06 31.05
CA CYS C 46 -4.46 15.67 31.53
C CYS C 46 -3.37 15.32 32.54
N GLY C 47 -2.61 16.34 32.96
CA GLY C 47 -1.61 16.19 34.01
C GLY C 47 -0.35 15.47 33.57
N LEU C 48 -0.04 15.56 32.28
CA LEU C 48 1.12 14.86 31.74
C LEU C 48 2.44 15.54 32.10
N ASP C 49 3.44 14.70 32.37
CA ASP C 49 4.82 15.16 32.48
C ASP C 49 5.24 15.59 31.09
N ASP C 50 5.88 16.74 31.01
CA ASP C 50 6.24 17.40 29.75
C ASP C 50 6.47 16.42 28.61
N PRO C 51 5.61 16.48 27.57
CA PRO C 51 5.76 15.57 26.43
C PRO C 51 7.05 15.83 25.65
N THR C 52 7.57 14.77 25.02
CA THR C 52 8.72 14.89 24.13
C THR C 52 8.25 15.52 22.83
N VAL C 53 8.80 16.70 22.53
CA VAL C 53 8.38 17.44 21.33
C VAL C 53 9.55 17.54 20.36
N VAL C 54 9.31 17.08 19.13
CA VAL C 54 10.32 17.06 18.10
C VAL C 54 9.75 17.75 16.85
N ARG C 55 10.53 18.66 16.27
CA ARG C 55 10.13 19.30 15.01
C ARG C 55 10.88 18.69 13.81
N VAL C 56 10.18 18.54 12.69
CA VAL C 56 10.77 18.10 11.43
C VAL C 56 10.41 19.10 10.33
N LEU C 57 11.09 19.03 9.20
CA LEU C 57 10.88 19.99 8.13
C LEU C 57 9.51 19.82 7.45
N GLY C 58 9.27 18.66 6.87
CA GLY C 58 8.00 18.41 6.18
C GLY C 58 7.32 17.14 6.65
N ALA C 59 6.07 16.95 6.23
CA ALA C 59 5.29 15.78 6.62
C ALA C 59 5.95 14.42 6.29
N ILE C 60 6.68 14.36 5.17
CA ILE C 60 7.33 13.09 4.75
C ILE C 60 8.37 12.60 5.77
N GLU C 61 8.98 13.52 6.51
CA GLU C 61 9.97 13.20 7.54
C GLU C 61 9.36 12.67 8.85
N ILE C 62 8.05 12.84 9.02
CA ILE C 62 7.39 12.45 10.29
C ILE C 62 7.53 10.95 10.63
N PRO C 63 7.18 10.05 9.69
CA PRO C 63 7.19 8.62 10.03
C PRO C 63 8.50 8.10 10.61
N VAL C 64 9.64 8.45 10.03
CA VAL C 64 10.93 7.92 10.54
C VAL C 64 11.23 8.42 11.97
N VAL C 65 10.83 9.67 12.25
CA VAL C 65 11.00 10.24 13.60
C VAL C 65 9.98 9.65 14.57
N ALA C 66 8.74 9.47 14.11
CA ALA C 66 7.71 8.79 14.92
C ALA C 66 8.14 7.37 15.28
N GLN C 67 8.78 6.69 14.32
CA GLN C 67 9.34 5.36 14.57
C GLN C 67 10.33 5.36 15.73
N GLU C 68 11.25 6.33 15.72
CA GLU C 68 12.22 6.48 16.81
C GLU C 68 11.50 6.81 18.11
N LEU C 69 10.55 7.74 18.06
CA LEU C 69 9.82 8.14 19.26
C LEU C 69 9.00 7.00 19.87
N ALA C 70 8.42 6.17 19.02
CA ALA C 70 7.59 5.04 19.46
C ALA C 70 8.36 4.04 20.32
N ARG C 71 9.68 3.97 20.14
CA ARG C 71 10.52 3.09 20.95
C ARG C 71 10.56 3.47 22.43
N ASN C 72 10.22 4.72 22.75
CA ASN C 72 10.38 5.24 24.10
C ASN C 72 9.11 5.88 24.69
N HIS C 73 7.98 5.76 23.98
CA HIS C 73 6.75 6.42 24.40
C HIS C 73 5.52 5.51 24.22
N ASP C 74 4.46 5.78 25.00
CA ASP C 74 3.21 5.02 24.96
C ASP C 74 2.32 5.48 23.81
N ALA C 75 2.61 6.67 23.28
CA ALA C 75 1.85 7.25 22.18
C ALA C 75 2.59 8.40 21.54
N VAL C 76 2.32 8.60 20.26
CA VAL C 76 2.95 9.66 19.48
C VAL C 76 1.83 10.40 18.76
N VAL C 77 1.86 11.73 18.83
CA VAL C 77 0.94 12.57 18.06
C VAL C 77 1.75 13.13 16.89
N ALA C 78 1.26 12.89 15.68
CA ALA C 78 1.87 13.44 14.47
C ALA C 78 1.09 14.68 14.07
N LEU C 79 1.80 15.81 13.97
CA LEU C 79 1.18 17.09 13.65
C LEU C 79 1.79 17.67 12.39
N GLY C 80 0.95 18.26 11.54
CA GLY C 80 1.42 18.84 10.28
C GLY C 80 0.31 19.42 9.43
N VAL C 81 0.72 20.06 8.33
CA VAL C 81 -0.20 20.74 7.42
C VAL C 81 0.22 20.47 5.99
N VAL C 82 -0.64 19.78 5.25
CA VAL C 82 -0.43 19.61 3.82
C VAL C 82 -1.59 20.26 3.09
N ILE C 83 -1.29 21.25 2.25
CA ILE C 83 -2.32 21.98 1.51
C ILE C 83 -2.11 21.76 0.01
N ARG C 84 -3.19 21.40 -0.68
CA ARG C 84 -3.13 21.10 -2.11
C ARG C 84 -2.72 22.31 -2.94
N GLY C 85 -1.87 22.06 -3.94
CA GLY C 85 -1.44 23.11 -4.86
C GLY C 85 -1.84 22.79 -6.28
N GLN C 86 -0.95 23.07 -7.22
CA GLN C 86 -1.25 22.92 -8.64
C GLN C 86 -0.84 21.58 -9.23
N THR C 87 0.05 20.87 -8.54
CA THR C 87 0.58 19.61 -9.05
C THR C 87 0.03 18.40 -8.26
N PRO C 88 0.16 17.17 -8.80
CA PRO C 88 -0.24 15.98 -8.06
C PRO C 88 0.57 15.70 -6.79
N HIS C 89 1.52 16.58 -6.46
CA HIS C 89 2.44 16.33 -5.34
C HIS C 89 1.77 16.23 -3.97
N PHE C 90 0.73 17.03 -3.75
CA PHE C 90 -0.10 16.91 -2.54
C PHE C 90 -0.49 15.45 -2.27
N ASP C 91 -0.98 14.77 -3.32
CA ASP C 91 -1.46 13.39 -3.19
C ASP C 91 -0.41 12.42 -2.67
N TYR C 92 0.80 12.55 -3.19
CA TYR C 92 1.87 11.62 -2.85
C TYR C 92 2.49 11.90 -1.48
N VAL C 93 2.51 13.16 -1.06
CA VAL C 93 2.90 13.51 0.30
C VAL C 93 1.95 12.85 1.31
N CYS C 94 0.64 12.99 1.08
CA CYS C 94 -0.37 12.40 1.94
C CYS C 94 -0.35 10.87 1.91
N ASP C 95 -0.16 10.28 0.73
CA ASP C 95 0.02 8.82 0.61
C ASP C 95 1.20 8.33 1.47
N ALA C 96 2.34 9.01 1.36
CA ALA C 96 3.53 8.64 2.13
C ALA C 96 3.28 8.72 3.64
N VAL C 97 2.68 9.81 4.10
CA VAL C 97 2.35 9.98 5.52
C VAL C 97 1.38 8.88 6.01
N THR C 98 0.29 8.68 5.27
CA THR C 98 -0.68 7.63 5.58
C THR C 98 -0.01 6.26 5.69
N GLN C 99 0.74 5.87 4.66
CA GLN C 99 1.44 4.58 4.63
C GLN C 99 2.45 4.44 5.77
N GLY C 100 3.25 5.48 5.97
CA GLY C 100 4.28 5.48 7.00
C GLY C 100 3.75 5.36 8.42
N LEU C 101 2.79 6.22 8.77
CA LEU C 101 2.24 6.28 10.12
C LEU C 101 1.52 5.00 10.47
N THR C 102 0.80 4.44 9.51
CA THR C 102 0.08 3.19 9.71
C THR C 102 1.06 2.07 9.99
N ARG C 103 2.10 1.98 9.15
CA ARG C 103 3.15 1.00 9.39
C ARG C 103 3.85 1.16 10.74
N VAL C 104 4.21 2.38 11.10
CA VAL C 104 4.92 2.63 12.38
C VAL C 104 4.06 2.22 13.58
N SER C 105 2.77 2.59 13.57
CA SER C 105 1.85 2.22 14.65
C SER C 105 1.79 0.72 14.85
N LEU C 106 1.74 -0.03 13.74
CA LEU C 106 1.61 -1.47 13.80
C LEU C 106 2.93 -2.19 14.12
N ASP C 107 4.04 -1.73 13.53
CA ASP C 107 5.37 -2.26 13.86
C ASP C 107 5.64 -2.14 15.36
N SER C 108 5.30 -0.99 15.93
CA SER C 108 5.63 -0.68 17.33
C SER C 108 4.49 -0.99 18.30
N SER C 109 3.34 -1.43 17.78
CA SER C 109 2.14 -1.61 18.60
C SER C 109 1.87 -0.37 19.48
N THR C 110 2.02 0.81 18.88
CA THR C 110 1.88 2.07 19.60
C THR C 110 0.93 2.99 18.83
N PRO C 111 -0.04 3.62 19.53
CA PRO C 111 -0.91 4.57 18.83
C PRO C 111 -0.09 5.71 18.25
N ILE C 112 -0.26 5.96 16.95
CA ILE C 112 0.30 7.15 16.34
C ILE C 112 -0.92 7.95 15.85
N ALA C 113 -1.23 9.03 16.57
CA ALA C 113 -2.42 9.82 16.26
C ALA C 113 -2.13 10.74 15.08
N ASN C 114 -3.06 10.77 14.13
CA ASN C 114 -2.88 11.53 12.90
C ASN C 114 -3.51 12.92 13.04
N GLY C 115 -2.70 13.88 13.44
CA GLY C 115 -3.10 15.29 13.45
C GLY C 115 -2.49 16.05 12.29
N VAL C 116 -2.35 15.36 11.15
CA VAL C 116 -1.81 15.99 9.94
C VAL C 116 -2.98 16.45 9.08
N LEU C 117 -3.22 17.76 9.08
CA LEU C 117 -4.24 18.37 8.25
C LEU C 117 -3.93 18.14 6.78
N THR C 118 -4.97 17.80 6.02
CA THR C 118 -4.84 17.58 4.59
C THR C 118 -5.99 18.32 3.90
N THR C 119 -5.72 19.57 3.52
CA THR C 119 -6.78 20.45 3.06
C THR C 119 -6.57 20.91 1.62
N ASN C 120 -7.63 21.44 1.02
CA ASN C 120 -7.52 22.01 -0.33
C ASN C 120 -7.11 23.48 -0.28
N THR C 121 -7.39 24.15 0.85
CA THR C 121 -7.09 25.58 1.02
C THR C 121 -6.43 25.87 2.36
N GLU C 122 -5.82 27.05 2.45
CA GLU C 122 -5.25 27.54 3.70
C GLU C 122 -6.33 27.83 4.74
N GLU C 123 -7.47 28.36 4.29
CA GLU C 123 -8.58 28.69 5.18
C GLU C 123 -9.15 27.46 5.86
N GLN C 124 -9.25 26.36 5.13
CA GLN C 124 -9.69 25.08 5.69
C GLN C 124 -8.76 24.63 6.81
N ALA C 125 -7.45 24.75 6.59
CA ALA C 125 -6.45 24.34 7.58
C ALA C 125 -6.51 25.21 8.82
N LEU C 126 -6.68 26.52 8.62
CA LEU C 126 -6.82 27.47 9.73
C LEU C 126 -8.07 27.16 10.56
N ASP C 127 -9.16 26.80 9.90
CA ASP C 127 -10.44 26.52 10.55
C ASP C 127 -10.42 25.23 11.37
N ARG C 128 -9.35 24.45 11.21
CA ARG C 128 -9.20 23.15 11.87
C ARG C 128 -8.00 23.12 12.82
N ALA C 129 -7.37 24.27 13.02
CA ALA C 129 -6.13 24.35 13.82
C ALA C 129 -6.31 24.92 15.23
N GLY C 130 -7.56 25.10 15.65
CA GLY C 130 -7.84 25.54 17.02
C GLY C 130 -7.42 26.96 17.39
N LEU C 131 -7.62 27.89 16.47
CA LEU C 131 -7.52 29.32 16.80
C LEU C 131 -8.88 29.75 17.33
N PRO C 132 -8.96 30.89 18.05
CA PRO C 132 -10.24 31.32 18.63
C PRO C 132 -11.42 31.21 17.67
N THR C 133 -11.20 31.51 16.39
CA THR C 133 -12.26 31.51 15.38
C THR C 133 -12.42 30.18 14.62
N SER C 134 -11.60 29.18 14.97
CA SER C 134 -11.64 27.87 14.31
C SER C 134 -12.85 27.06 14.74
N ALA C 135 -13.42 26.31 13.79
CA ALA C 135 -14.52 25.38 14.07
C ALA C 135 -14.03 24.13 14.80
N GLU C 136 -12.78 23.74 14.52
CA GLU C 136 -12.18 22.54 15.10
C GLU C 136 -10.73 22.75 15.53
N ASP C 137 -10.25 21.85 16.39
CA ASP C 137 -8.87 21.86 16.85
C ASP C 137 -8.31 20.44 16.69
N LYS C 138 -7.79 20.14 15.51
CA LYS C 138 -7.35 18.78 15.20
C LYS C 138 -6.09 18.35 15.95
N GLY C 139 -5.29 19.33 16.37
CA GLY C 139 -4.14 19.08 17.25
C GLY C 139 -4.60 18.53 18.60
N ALA C 140 -5.60 19.18 19.19
CA ALA C 140 -6.19 18.74 20.45
C ALA C 140 -6.83 17.35 20.32
N GLN C 141 -7.64 17.17 19.27
CA GLN C 141 -8.33 15.91 18.99
C GLN C 141 -7.37 14.72 18.87
N ALA C 142 -6.29 14.91 18.10
CA ALA C 142 -5.28 13.88 17.92
C ALA C 142 -4.63 13.50 19.25
N THR C 143 -4.41 14.50 20.11
CA THR C 143 -3.79 14.26 21.42
C THR C 143 -4.70 13.49 22.37
N VAL C 144 -5.98 13.85 22.38
CA VAL C 144 -7.01 13.07 23.09
C VAL C 144 -7.03 11.62 22.60
N ALA C 145 -7.09 11.41 21.29
CA ALA C 145 -7.11 10.05 20.72
C ALA C 145 -5.87 9.24 21.11
N ALA C 146 -4.71 9.87 21.04
CA ALA C 146 -3.45 9.23 21.42
C ALA C 146 -3.47 8.75 22.88
N LEU C 147 -3.93 9.63 23.78
CA LEU C 147 -3.94 9.35 25.21
C LEU C 147 -4.93 8.26 25.55
N ALA C 148 -6.13 8.38 24.98
CA ALA C 148 -7.20 7.42 25.22
C ALA C 148 -6.79 6.03 24.74
N THR C 149 -6.14 5.96 23.59
CA THR C 149 -5.78 4.67 23.01
C THR C 149 -4.67 4.04 23.83
N ALA C 150 -3.74 4.87 24.30
CA ALA C 150 -2.65 4.39 25.16
C ALA C 150 -3.22 3.82 26.46
N LEU C 151 -4.21 4.51 27.05
CA LEU C 151 -4.85 4.03 28.28
C LEU C 151 -5.59 2.72 28.06
N THR C 152 -6.34 2.65 26.96
CA THR C 152 -7.04 1.45 26.54
C THR C 152 -6.09 0.26 26.37
N LEU C 153 -4.96 0.48 25.69
CA LEU C 153 -3.98 -0.59 25.49
C LEU C 153 -3.37 -1.06 26.81
N ARG C 154 -3.06 -0.13 27.71
CA ARG C 154 -2.52 -0.46 29.03
C ARG C 154 -3.47 -1.41 29.77
N GLU C 155 -4.77 -1.11 29.71
CA GLU C 155 -5.80 -1.91 30.35
C GLU C 155 -5.98 -3.27 29.68
N LEU C 156 -5.79 -3.33 28.37
CA LEU C 156 -5.94 -4.57 27.62
C LEU C 156 -4.75 -5.50 27.83
N ARG C 157 -3.58 -4.91 28.07
CA ARG C 157 -2.34 -5.67 28.17
C ARG C 157 -2.09 -6.24 29.58
N ALA C 158 -0.95 -6.90 29.75
CA ALA C 158 -0.63 -7.66 30.97
C ALA C 158 -0.45 -6.81 32.22
N HIS C 159 -1.22 -7.14 33.25
CA HIS C 159 -1.09 -6.53 34.58
C HIS C 159 -1.78 -7.39 35.63
N SER C 160 -1.74 -6.94 36.88
CA SER C 160 -2.39 -7.64 37.99
C SER C 160 -3.91 -7.68 37.79
N ALA D 15 26.59 19.79 10.23
CA ALA D 15 26.25 18.50 9.57
C ALA D 15 27.47 17.83 8.92
N SER D 16 28.67 18.32 9.23
CA SER D 16 29.90 17.79 8.63
C SER D 16 30.16 16.31 8.98
N GLY D 17 29.51 15.81 10.04
CA GLY D 17 29.64 14.41 10.43
C GLY D 17 28.63 13.47 9.79
N VAL D 18 27.60 14.01 9.15
CA VAL D 18 26.57 13.17 8.54
C VAL D 18 27.01 12.60 7.19
N ARG D 19 26.69 11.33 6.99
CA ARG D 19 27.06 10.63 5.78
C ARG D 19 25.86 10.67 4.86
N LEU D 20 26.01 11.40 3.75
CA LEU D 20 24.88 11.68 2.87
C LEU D 20 25.05 11.01 1.52
N ALA D 21 23.97 10.41 1.05
CA ALA D 21 23.92 9.90 -0.30
C ALA D 21 22.80 10.57 -1.08
N ILE D 22 23.04 10.73 -2.38
CA ILE D 22 22.05 11.31 -3.27
C ILE D 22 21.89 10.37 -4.46
N VAL D 23 20.66 9.91 -4.67
CA VAL D 23 20.37 9.10 -5.84
C VAL D 23 19.42 9.87 -6.76
N ALA D 24 19.82 10.01 -8.01
CA ALA D 24 19.08 10.83 -8.97
C ALA D 24 18.81 10.08 -10.28
N SER D 25 17.54 10.06 -10.70
CA SER D 25 17.20 9.48 -11.99
C SER D 25 17.59 10.42 -13.13
N SER D 26 17.75 9.86 -14.33
CA SER D 26 18.29 10.59 -15.47
C SER D 26 17.21 10.98 -16.47
N TRP D 27 15.98 10.52 -16.22
CA TRP D 27 14.82 10.85 -17.05
C TRP D 27 14.50 12.34 -16.87
N HIS D 28 14.52 13.08 -17.98
CA HIS D 28 14.51 14.56 -18.00
C HIS D 28 15.84 15.07 -17.42
N GLY D 29 16.90 14.89 -18.20
CA GLY D 29 18.27 15.10 -17.74
C GLY D 29 18.62 16.48 -17.21
N LYS D 30 18.20 17.53 -17.91
CA LYS D 30 18.56 18.88 -17.51
C LYS D 30 17.90 19.33 -16.20
N ILE D 31 16.64 18.93 -16.01
CA ILE D 31 15.94 19.24 -14.77
C ILE D 31 16.57 18.45 -13.62
N CYS D 32 16.91 17.19 -13.88
CA CYS D 32 17.60 16.37 -12.87
C CYS D 32 18.96 16.99 -12.50
N ASP D 33 19.70 17.50 -13.50
CA ASP D 33 20.96 18.20 -13.26
C ASP D 33 20.75 19.41 -12.36
N ALA D 34 19.66 20.13 -12.62
CA ALA D 34 19.28 21.29 -11.82
C ALA D 34 18.99 20.90 -10.37
N LEU D 35 18.25 19.80 -10.17
CA LEU D 35 17.96 19.30 -8.83
C LEU D 35 19.23 18.88 -8.09
N LEU D 36 20.12 18.19 -8.80
CA LEU D 36 21.37 17.73 -8.21
C LEU D 36 22.30 18.89 -7.82
N ASP D 37 22.31 19.94 -8.62
CA ASP D 37 23.11 21.12 -8.30
C ASP D 37 22.65 21.74 -6.97
N GLY D 38 21.34 21.87 -6.80
CA GLY D 38 20.76 22.42 -5.56
C GLY D 38 21.10 21.58 -4.35
N ALA D 39 20.96 20.27 -4.49
CA ALA D 39 21.35 19.31 -3.45
C ALA D 39 22.83 19.40 -3.07
N ARG D 40 23.71 19.42 -4.07
CA ARG D 40 25.15 19.49 -3.84
C ARG D 40 25.54 20.79 -3.12
N LYS D 41 24.91 21.89 -3.52
CA LYS D 41 25.20 23.19 -2.91
C LYS D 41 24.82 23.27 -1.43
N VAL D 42 23.66 22.72 -1.10
CA VAL D 42 23.19 22.65 0.30
C VAL D 42 24.15 21.79 1.12
N ALA D 43 24.46 20.60 0.60
CA ALA D 43 25.42 19.69 1.22
C ALA D 43 26.76 20.37 1.51
N ALA D 44 27.31 21.07 0.51
CA ALA D 44 28.57 21.78 0.65
C ALA D 44 28.48 22.88 1.72
N GLY D 45 27.37 23.61 1.70
CA GLY D 45 27.12 24.68 2.66
C GLY D 45 27.04 24.19 4.09
N CYS D 46 26.57 22.96 4.25
CA CYS D 46 26.47 22.32 5.57
C CYS D 46 27.77 21.59 5.95
N GLY D 47 28.82 21.76 5.16
CA GLY D 47 30.13 21.17 5.46
C GLY D 47 30.44 19.82 4.82
N LEU D 48 29.63 19.40 3.84
CA LEU D 48 29.82 18.12 3.14
C LEU D 48 30.17 18.29 1.66
N ASP D 49 31.47 18.21 1.34
CA ASP D 49 31.93 18.44 -0.02
C ASP D 49 31.81 17.20 -0.90
N ASP D 50 31.72 16.03 -0.27
CA ASP D 50 31.76 14.77 -1.03
C ASP D 50 30.65 13.78 -0.67
N PRO D 51 29.38 14.16 -0.89
CA PRO D 51 28.32 13.15 -0.70
C PRO D 51 28.43 12.06 -1.76
N THR D 52 27.94 10.88 -1.43
CA THR D 52 27.88 9.78 -2.39
C THR D 52 26.78 10.11 -3.39
N VAL D 53 27.13 10.19 -4.66
CA VAL D 53 26.13 10.50 -5.69
C VAL D 53 26.04 9.35 -6.68
N VAL D 54 24.82 8.85 -6.87
CA VAL D 54 24.56 7.73 -7.78
C VAL D 54 23.47 8.12 -8.77
N ARG D 55 23.69 7.86 -10.05
CA ARG D 55 22.65 8.08 -11.07
C ARG D 55 21.95 6.78 -11.46
N VAL D 56 20.64 6.86 -11.65
CA VAL D 56 19.84 5.75 -12.18
C VAL D 56 19.04 6.23 -13.39
N LEU D 57 18.49 5.29 -14.16
CA LEU D 57 17.83 5.64 -15.42
C LEU D 57 16.45 6.28 -15.23
N GLY D 58 15.65 5.74 -14.31
CA GLY D 58 14.29 6.23 -14.10
C GLY D 58 13.90 6.20 -12.64
N ALA D 59 12.83 6.91 -12.30
CA ALA D 59 12.36 7.00 -10.92
C ALA D 59 12.10 5.63 -10.28
N ILE D 60 11.61 4.67 -11.06
CA ILE D 60 11.31 3.34 -10.54
C ILE D 60 12.57 2.64 -9.98
N GLU D 61 13.72 2.95 -10.56
CA GLU D 61 15.01 2.37 -10.11
C GLU D 61 15.54 2.96 -8.78
N ILE D 62 14.98 4.09 -8.35
CA ILE D 62 15.50 4.79 -7.17
C ILE D 62 15.43 3.95 -5.86
N PRO D 63 14.24 3.39 -5.53
CA PRO D 63 14.12 2.68 -4.23
C PRO D 63 15.17 1.59 -3.98
N VAL D 64 15.40 0.69 -4.94
CA VAL D 64 16.37 -0.39 -4.72
C VAL D 64 17.80 0.15 -4.50
N VAL D 65 18.15 1.24 -5.20
CA VAL D 65 19.47 1.87 -5.04
C VAL D 65 19.51 2.64 -3.71
N ALA D 66 18.40 3.30 -3.35
CA ALA D 66 18.31 3.99 -2.06
C ALA D 66 18.48 3.01 -0.91
N GLN D 67 17.89 1.82 -1.05
CA GLN D 67 18.01 0.78 -0.06
C GLN D 67 19.48 0.40 0.18
N GLU D 68 20.22 0.25 -0.92
CA GLU D 68 21.63 -0.07 -0.82
C GLU D 68 22.38 1.09 -0.15
N LEU D 69 22.09 2.32 -0.55
CA LEU D 69 22.79 3.49 0.01
C LEU D 69 22.47 3.67 1.50
N ALA D 70 21.23 3.40 1.88
CA ALA D 70 20.83 3.48 3.28
C ALA D 70 21.67 2.61 4.25
N ARG D 71 22.27 1.52 3.76
CA ARG D 71 23.11 0.64 4.61
C ARG D 71 24.39 1.31 5.10
N ASN D 72 24.78 2.42 4.45
CA ASN D 72 26.12 2.99 4.62
C ASN D 72 26.06 4.51 4.82
N HIS D 73 24.85 5.06 4.94
CA HIS D 73 24.66 6.51 5.04
C HIS D 73 23.58 6.87 6.07
N ASP D 74 23.65 8.08 6.61
CA ASP D 74 22.71 8.58 7.63
C ASP D 74 21.49 9.25 7.00
N ALA D 75 21.58 9.56 5.72
CA ALA D 75 20.48 10.15 4.99
C ALA D 75 20.66 9.92 3.51
N VAL D 76 19.53 9.79 2.82
CA VAL D 76 19.54 9.62 1.37
C VAL D 76 18.56 10.62 0.82
N VAL D 77 18.96 11.28 -0.25
CA VAL D 77 18.11 12.19 -1.00
C VAL D 77 17.76 11.55 -2.33
N ALA D 78 16.46 11.38 -2.57
CA ALA D 78 15.98 10.88 -3.86
C ALA D 78 15.63 12.05 -4.76
N LEU D 79 16.25 12.08 -5.94
CA LEU D 79 15.99 13.16 -6.89
C LEU D 79 15.49 12.61 -8.21
N GLY D 80 14.53 13.30 -8.81
CA GLY D 80 14.02 12.89 -10.11
C GLY D 80 12.89 13.77 -10.60
N VAL D 81 12.40 13.46 -11.79
CA VAL D 81 11.33 14.23 -12.41
C VAL D 81 10.39 13.27 -13.10
N VAL D 82 9.13 13.30 -12.70
CA VAL D 82 8.07 12.53 -13.35
C VAL D 82 7.00 13.51 -13.82
N ILE D 83 6.78 13.57 -15.13
CA ILE D 83 5.79 14.49 -15.71
C ILE D 83 4.69 13.70 -16.39
N ARG D 84 3.44 14.02 -16.06
CA ARG D 84 2.26 13.32 -16.59
C ARG D 84 2.14 13.47 -18.10
N GLY D 85 1.80 12.37 -18.78
CA GLY D 85 1.60 12.38 -20.22
C GLY D 85 0.20 11.95 -20.59
N GLN D 86 0.10 11.08 -21.60
CA GLN D 86 -1.19 10.71 -22.18
C GLN D 86 -1.86 9.53 -21.47
N THR D 87 -1.05 8.67 -20.85
CA THR D 87 -1.54 7.42 -20.27
C THR D 87 -1.55 7.47 -18.74
N PRO D 88 -2.22 6.49 -18.09
CA PRO D 88 -2.20 6.34 -16.63
C PRO D 88 -0.82 6.02 -16.04
N HIS D 89 0.21 5.89 -16.88
CA HIS D 89 1.54 5.45 -16.44
C HIS D 89 2.19 6.34 -15.40
N PHE D 90 1.97 7.65 -15.52
CA PHE D 90 2.40 8.62 -14.50
C PHE D 90 2.00 8.17 -13.10
N ASP D 91 0.71 7.85 -12.93
CA ASP D 91 0.14 7.49 -11.64
C ASP D 91 0.91 6.34 -10.97
N TYR D 92 1.20 5.30 -11.75
CA TYR D 92 1.84 4.09 -11.19
C TYR D 92 3.33 4.25 -10.93
N VAL D 93 4.02 5.03 -11.77
CA VAL D 93 5.40 5.38 -11.49
C VAL D 93 5.51 6.10 -10.15
N CYS D 94 4.63 7.10 -9.94
CA CYS D 94 4.61 7.85 -8.68
C CYS D 94 4.20 6.99 -7.50
N ASP D 95 3.25 6.08 -7.71
CA ASP D 95 2.84 5.13 -6.67
C ASP D 95 4.05 4.27 -6.27
N ALA D 96 4.76 3.72 -7.26
CA ALA D 96 5.94 2.90 -6.98
C ALA D 96 6.99 3.65 -6.17
N VAL D 97 7.32 4.88 -6.60
CA VAL D 97 8.31 5.71 -5.88
C VAL D 97 7.89 5.94 -4.43
N THR D 98 6.64 6.34 -4.21
CA THR D 98 6.10 6.62 -2.88
C THR D 98 6.15 5.40 -1.95
N GLN D 99 5.63 4.27 -2.43
CA GLN D 99 5.64 3.03 -1.65
C GLN D 99 7.06 2.56 -1.32
N GLY D 100 7.95 2.66 -2.30
CA GLY D 100 9.32 2.18 -2.17
C GLY D 100 10.15 2.99 -1.19
N LEU D 101 10.14 4.31 -1.35
CA LEU D 101 10.94 5.19 -0.50
C LEU D 101 10.45 5.14 0.93
N THR D 102 9.13 5.04 1.11
CA THR D 102 8.54 4.95 2.44
C THR D 102 9.00 3.66 3.13
N ARG D 103 8.90 2.53 2.41
CA ARG D 103 9.39 1.27 2.95
C ARG D 103 10.89 1.31 3.28
N VAL D 104 11.69 1.84 2.36
CA VAL D 104 13.14 1.88 2.55
C VAL D 104 13.49 2.71 3.80
N SER D 105 12.85 3.88 3.96
CA SER D 105 13.12 4.74 5.14
C SER D 105 12.84 4.01 6.45
N LEU D 106 11.72 3.30 6.49
CA LEU D 106 11.31 2.65 7.71
C LEU D 106 12.07 1.35 7.97
N ASP D 107 12.35 0.57 6.91
CA ASP D 107 13.19 -0.64 7.04
C ASP D 107 14.55 -0.27 7.61
N SER D 108 15.13 0.80 7.08
CA SER D 108 16.51 1.19 7.41
C SER D 108 16.61 2.19 8.55
N SER D 109 15.45 2.68 9.02
CA SER D 109 15.39 3.75 10.04
C SER D 109 16.30 4.93 9.64
N THR D 110 16.24 5.27 8.34
CA THR D 110 17.09 6.29 7.75
C THR D 110 16.17 7.27 7.01
N PRO D 111 16.37 8.60 7.19
CA PRO D 111 15.59 9.54 6.38
C PRO D 111 15.90 9.37 4.90
N ILE D 112 14.84 9.20 4.10
CA ILE D 112 14.95 9.20 2.64
C ILE D 112 14.09 10.36 2.16
N ALA D 113 14.74 11.45 1.77
CA ALA D 113 14.05 12.66 1.39
C ALA D 113 13.53 12.55 -0.03
N ASN D 114 12.31 13.01 -0.23
CA ASN D 114 11.66 12.88 -1.53
C ASN D 114 11.84 14.19 -2.28
N GLY D 115 12.83 14.22 -3.16
CA GLY D 115 13.02 15.35 -4.06
C GLY D 115 12.68 14.93 -5.48
N VAL D 116 11.69 14.04 -5.60
CA VAL D 116 11.24 13.59 -6.91
C VAL D 116 10.04 14.45 -7.29
N LEU D 117 10.25 15.34 -8.24
CA LEU D 117 9.17 16.16 -8.76
C LEU D 117 8.12 15.31 -9.45
N THR D 118 6.85 15.62 -9.20
CA THR D 118 5.72 14.94 -9.84
C THR D 118 4.78 16.01 -10.34
N THR D 119 4.90 16.35 -11.62
CA THR D 119 4.19 17.50 -12.18
C THR D 119 3.27 17.12 -13.33
N ASN D 120 2.35 18.02 -13.67
CA ASN D 120 1.46 17.86 -14.83
C ASN D 120 2.11 18.40 -16.11
N THR D 121 2.99 19.39 -15.96
CA THR D 121 3.67 19.97 -17.11
C THR D 121 5.18 20.14 -16.86
N GLU D 122 5.93 20.28 -17.96
CA GLU D 122 7.35 20.56 -17.90
C GLU D 122 7.64 21.91 -17.23
N GLU D 123 6.82 22.91 -17.53
CA GLU D 123 6.96 24.26 -16.96
C GLU D 123 6.86 24.24 -15.44
N GLN D 124 5.89 23.50 -14.90
CA GLN D 124 5.78 23.25 -13.47
C GLN D 124 7.05 22.65 -12.88
N ALA D 125 7.63 21.67 -13.58
CA ALA D 125 8.85 21.00 -13.14
C ALA D 125 10.04 21.95 -13.13
N LEU D 126 10.15 22.78 -14.17
CA LEU D 126 11.22 23.77 -14.26
C LEU D 126 11.14 24.78 -13.13
N ASP D 127 9.92 25.25 -12.85
CA ASP D 127 9.63 26.23 -11.81
C ASP D 127 9.98 25.75 -10.39
N ARG D 128 10.21 24.45 -10.25
CA ARG D 128 10.51 23.84 -8.94
C ARG D 128 11.89 23.19 -8.88
N ALA D 129 12.70 23.42 -9.92
CA ALA D 129 14.03 22.80 -10.01
C ALA D 129 15.14 23.75 -9.57
N GLY D 130 14.75 24.97 -9.18
CA GLY D 130 15.69 25.97 -8.71
C GLY D 130 16.69 26.43 -9.77
N LEU D 131 16.17 26.75 -10.96
CA LEU D 131 16.96 27.44 -11.97
C LEU D 131 16.84 28.93 -11.67
N PRO D 132 17.66 29.78 -12.33
CA PRO D 132 17.58 31.22 -12.07
C PRO D 132 16.16 31.79 -11.95
N THR D 133 15.22 31.31 -12.78
CA THR D 133 13.85 31.86 -12.80
C THR D 133 12.81 31.08 -11.99
N SER D 134 13.23 29.97 -11.37
CA SER D 134 12.31 29.09 -10.62
C SER D 134 11.77 29.72 -9.35
N ALA D 135 10.55 29.33 -9.00
CA ALA D 135 9.92 29.73 -7.73
C ALA D 135 10.59 29.06 -6.52
N GLU D 136 10.98 27.79 -6.69
CA GLU D 136 11.59 27.03 -5.61
C GLU D 136 12.60 26.00 -6.14
N ASP D 137 13.40 25.43 -5.24
CA ASP D 137 14.35 24.37 -5.57
C ASP D 137 14.09 23.15 -4.70
N LYS D 138 13.40 22.16 -5.25
CA LYS D 138 13.02 20.97 -4.49
C LYS D 138 14.22 20.08 -4.17
N GLY D 139 15.29 20.19 -4.95
CA GLY D 139 16.52 19.45 -4.72
C GLY D 139 17.20 19.94 -3.45
N ALA D 140 17.36 21.25 -3.35
CA ALA D 140 17.84 21.93 -2.14
C ALA D 140 16.96 21.62 -0.93
N GLN D 141 15.64 21.79 -1.08
CA GLN D 141 14.68 21.50 0.00
C GLN D 141 14.81 20.08 0.53
N ALA D 142 14.91 19.11 -0.37
CA ALA D 142 15.01 17.70 0.01
C ALA D 142 16.30 17.40 0.77
N THR D 143 17.37 18.12 0.44
CA THR D 143 18.66 17.90 1.10
C THR D 143 18.67 18.50 2.50
N VAL D 144 18.07 19.68 2.66
CA VAL D 144 17.86 20.26 3.98
C VAL D 144 17.03 19.30 4.85
N ALA D 145 15.93 18.79 4.29
CA ALA D 145 15.05 17.88 4.99
C ALA D 145 15.81 16.63 5.44
N ALA D 146 16.61 16.07 4.55
CA ALA D 146 17.37 14.86 4.87
C ALA D 146 18.39 15.07 5.98
N LEU D 147 19.17 16.14 5.87
CA LEU D 147 20.23 16.46 6.84
C LEU D 147 19.64 16.85 8.19
N ALA D 148 18.62 17.71 8.18
CA ALA D 148 17.96 18.09 9.42
C ALA D 148 17.44 16.87 10.15
N THR D 149 16.82 15.95 9.41
CA THR D 149 16.23 14.77 10.02
C THR D 149 17.31 13.83 10.56
N ALA D 150 18.42 13.68 9.82
CA ALA D 150 19.54 12.86 10.30
C ALA D 150 20.11 13.43 11.62
N LEU D 151 20.25 14.75 11.69
CA LEU D 151 20.78 15.40 12.89
C LEU D 151 19.84 15.25 14.10
N THR D 152 18.54 15.40 13.85
CA THR D 152 17.50 15.12 14.85
C THR D 152 17.57 13.68 15.40
N LEU D 153 17.66 12.70 14.50
CA LEU D 153 17.73 11.30 14.92
C LEU D 153 19.00 11.00 15.73
N ARG D 154 20.11 11.59 15.30
CA ARG D 154 21.38 11.49 16.03
C ARG D 154 21.20 11.99 17.47
N GLU D 155 20.47 13.09 17.64
CA GLU D 155 20.17 13.66 18.94
C GLU D 155 19.26 12.77 19.79
N LEU D 156 18.26 12.17 19.15
CA LEU D 156 17.29 11.35 19.87
C LEU D 156 17.87 10.00 20.29
N ARG D 157 18.82 9.50 19.49
CA ARG D 157 19.38 8.18 19.71
C ARG D 157 20.51 8.15 20.75
N ALA D 158 21.04 6.95 20.99
CA ALA D 158 21.97 6.69 22.10
C ALA D 158 23.32 7.38 21.96
N HIS D 159 23.63 8.22 22.96
CA HIS D 159 24.92 8.89 23.05
C HIS D 159 25.22 9.26 24.51
N SER D 160 26.44 9.76 24.75
CA SER D 160 26.86 10.18 26.09
C SER D 160 27.67 11.47 26.05
N ALA E 15 28.41 -5.57 -19.35
CA ALA E 15 27.22 -6.25 -18.73
C ALA E 15 27.15 -7.75 -19.06
N SER E 16 28.19 -8.29 -19.68
CA SER E 16 28.22 -9.69 -20.12
C SER E 16 28.10 -10.71 -18.98
N GLY E 17 28.48 -10.29 -17.77
CA GLY E 17 28.40 -11.14 -16.60
C GLY E 17 27.11 -11.00 -15.80
N VAL E 18 26.24 -10.05 -16.17
CA VAL E 18 24.97 -9.88 -15.45
C VAL E 18 24.00 -11.01 -15.79
N ARG E 19 23.36 -11.55 -14.76
CA ARG E 19 22.37 -12.61 -14.92
C ARG E 19 20.99 -11.97 -15.03
N LEU E 20 20.42 -12.01 -16.23
CA LEU E 20 19.17 -11.32 -16.52
C LEU E 20 18.03 -12.32 -16.69
N ALA E 21 16.88 -11.96 -16.13
CA ALA E 21 15.64 -12.71 -16.34
C ALA E 21 14.59 -11.77 -16.90
N ILE E 22 13.74 -12.31 -17.77
CA ILE E 22 12.64 -11.55 -18.34
C ILE E 22 11.37 -12.37 -18.13
N VAL E 23 10.38 -11.76 -17.48
CA VAL E 23 9.07 -12.39 -17.35
C VAL E 23 8.04 -11.54 -18.11
N ALA E 24 7.35 -12.19 -19.03
CA ALA E 24 6.43 -11.51 -19.94
C ALA E 24 5.04 -12.11 -19.88
N SER E 25 4.05 -11.26 -19.61
CA SER E 25 2.65 -11.62 -19.60
C SER E 25 2.16 -11.85 -21.03
N SER E 26 1.19 -12.74 -21.21
CA SER E 26 0.71 -13.14 -22.54
C SER E 26 -0.58 -12.47 -22.98
N TRP E 27 -1.19 -11.66 -22.10
CA TRP E 27 -2.55 -11.19 -22.31
C TRP E 27 -2.83 -10.63 -23.72
N HIS E 28 -2.15 -9.56 -24.09
CA HIS E 28 -2.20 -9.03 -25.45
C HIS E 28 -0.95 -9.53 -26.18
N GLY E 29 -1.06 -10.73 -26.76
CA GLY E 29 0.09 -11.48 -27.28
C GLY E 29 1.01 -10.77 -28.25
N LYS E 30 0.44 -10.08 -29.23
CA LYS E 30 1.23 -9.41 -30.26
C LYS E 30 2.07 -8.26 -29.69
N ILE E 31 1.46 -7.45 -28.84
CA ILE E 31 2.18 -6.33 -28.22
C ILE E 31 3.25 -6.91 -27.27
N CYS E 32 2.89 -7.98 -26.56
CA CYS E 32 3.85 -8.64 -25.66
C CYS E 32 5.06 -9.22 -26.40
N ASP E 33 4.81 -9.86 -27.55
CA ASP E 33 5.88 -10.34 -28.43
C ASP E 33 6.82 -9.21 -28.85
N ALA E 34 6.25 -8.05 -29.17
CA ALA E 34 7.02 -6.88 -29.54
C ALA E 34 7.90 -6.37 -28.39
N LEU E 35 7.34 -6.28 -27.18
CA LEU E 35 8.13 -5.88 -26.01
C LEU E 35 9.29 -6.83 -25.76
N LEU E 36 9.03 -8.13 -25.87
CA LEU E 36 10.06 -9.15 -25.64
C LEU E 36 11.21 -9.08 -26.65
N ASP E 37 10.86 -8.84 -27.91
CA ASP E 37 11.83 -8.68 -28.99
C ASP E 37 12.82 -7.54 -28.64
N GLY E 38 12.28 -6.39 -28.26
CA GLY E 38 13.10 -5.25 -27.84
C GLY E 38 14.00 -5.58 -26.66
N ALA E 39 13.41 -6.19 -25.62
CA ALA E 39 14.15 -6.67 -24.45
C ALA E 39 15.32 -7.60 -24.82
N ARG E 40 15.02 -8.65 -25.60
CA ARG E 40 16.05 -9.59 -26.07
C ARG E 40 17.15 -8.96 -26.91
N LYS E 41 16.78 -8.04 -27.81
CA LYS E 41 17.79 -7.37 -28.65
C LYS E 41 18.74 -6.52 -27.82
N VAL E 42 18.21 -5.82 -26.83
CA VAL E 42 19.04 -5.02 -25.89
C VAL E 42 20.03 -5.94 -25.16
N ALA E 43 19.50 -7.00 -24.56
CA ALA E 43 20.31 -7.98 -23.84
C ALA E 43 21.46 -8.52 -24.71
N ALA E 44 21.12 -8.91 -25.94
CA ALA E 44 22.10 -9.46 -26.89
C ALA E 44 23.18 -8.43 -27.28
N GLY E 45 22.76 -7.17 -27.44
CA GLY E 45 23.68 -6.08 -27.77
C GLY E 45 24.65 -5.83 -26.63
N CYS E 46 24.16 -6.00 -25.40
CA CYS E 46 24.97 -5.83 -24.19
C CYS E 46 25.80 -7.08 -23.84
N GLY E 47 25.76 -8.08 -24.71
CA GLY E 47 26.58 -9.30 -24.56
C GLY E 47 25.89 -10.50 -23.90
N LEU E 48 24.56 -10.45 -23.80
CA LEU E 48 23.77 -11.53 -23.18
C LEU E 48 22.82 -12.21 -24.20
N ASP E 49 23.26 -13.33 -24.75
CA ASP E 49 22.48 -14.07 -25.74
C ASP E 49 21.42 -15.00 -25.16
N ASP E 50 21.52 -15.29 -23.86
CA ASP E 50 20.66 -16.29 -23.26
C ASP E 50 20.08 -15.88 -21.90
N PRO E 51 19.30 -14.78 -21.86
CA PRO E 51 18.61 -14.45 -20.61
C PRO E 51 17.52 -15.47 -20.32
N THR E 52 17.19 -15.66 -19.06
CA THR E 52 16.10 -16.54 -18.65
C THR E 52 14.78 -15.87 -19.03
N VAL E 53 14.00 -16.50 -19.90
CA VAL E 53 12.75 -15.89 -20.34
C VAL E 53 11.58 -16.78 -19.94
N VAL E 54 10.64 -16.19 -19.21
CA VAL E 54 9.49 -16.92 -18.70
C VAL E 54 8.22 -16.20 -19.13
N ARG E 55 7.24 -16.96 -19.63
CA ARG E 55 5.95 -16.38 -19.96
C ARG E 55 4.91 -16.69 -18.90
N VAL E 56 4.08 -15.69 -18.58
CA VAL E 56 2.92 -15.89 -17.70
C VAL E 56 1.65 -15.46 -18.41
N LEU E 57 0.49 -15.83 -17.87
CA LEU E 57 -0.77 -15.55 -18.57
C LEU E 57 -1.23 -14.09 -18.47
N GLY E 58 -1.19 -13.52 -17.28
CA GLY E 58 -1.63 -12.15 -17.07
C GLY E 58 -0.66 -11.36 -16.21
N ALA E 59 -0.81 -10.03 -16.21
CA ALA E 59 0.09 -9.18 -15.43
C ALA E 59 0.12 -9.52 -13.94
N ILE E 60 -1.03 -9.91 -13.37
CA ILE E 60 -1.12 -10.25 -11.93
C ILE E 60 -0.16 -11.38 -11.54
N GLU E 61 0.08 -12.30 -12.47
CA GLU E 61 0.96 -13.45 -12.26
C GLU E 61 2.46 -13.08 -12.27
N ILE E 62 2.78 -11.88 -12.74
CA ILE E 62 4.20 -11.50 -12.88
C ILE E 62 4.97 -11.48 -11.54
N PRO E 63 4.44 -10.79 -10.51
CA PRO E 63 5.26 -10.66 -9.28
C PRO E 63 5.71 -11.96 -8.65
N VAL E 64 4.83 -12.96 -8.54
CA VAL E 64 5.25 -14.24 -7.94
C VAL E 64 6.37 -14.94 -8.74
N VAL E 65 6.27 -14.85 -10.06
CA VAL E 65 7.31 -15.42 -10.92
C VAL E 65 8.61 -14.59 -10.87
N ALA E 66 8.47 -13.26 -10.89
CA ALA E 66 9.61 -12.35 -10.68
C ALA E 66 10.35 -12.63 -9.37
N GLN E 67 9.57 -12.92 -8.32
CA GLN E 67 10.13 -13.27 -7.01
C GLN E 67 11.03 -14.51 -7.10
N GLU E 68 10.54 -15.55 -7.76
CA GLU E 68 11.33 -16.75 -7.95
C GLU E 68 12.61 -16.43 -8.74
N LEU E 69 12.46 -15.65 -9.81
CA LEU E 69 13.59 -15.33 -10.68
C LEU E 69 14.63 -14.44 -9.99
N ALA E 70 14.18 -13.56 -9.10
CA ALA E 70 15.08 -12.67 -8.37
C ALA E 70 16.06 -13.45 -7.47
N ARG E 71 15.70 -14.67 -7.10
CA ARG E 71 16.54 -15.49 -6.23
C ARG E 71 17.88 -15.85 -6.89
N ASN E 72 17.91 -15.93 -8.21
CA ASN E 72 19.16 -16.31 -8.85
C ASN E 72 19.50 -15.49 -10.12
N HIS E 73 19.00 -14.27 -10.18
CA HIS E 73 19.36 -13.33 -11.24
C HIS E 73 19.72 -11.97 -10.64
N ASP E 74 20.44 -11.16 -11.40
CA ASP E 74 20.91 -9.85 -10.94
C ASP E 74 19.91 -8.75 -11.28
N ALA E 75 19.01 -9.08 -12.20
CA ALA E 75 17.99 -8.14 -12.65
C ALA E 75 16.85 -8.91 -13.29
N VAL E 76 15.64 -8.40 -13.12
CA VAL E 76 14.47 -8.98 -13.74
C VAL E 76 13.73 -7.87 -14.48
N VAL E 77 13.33 -8.16 -15.70
CA VAL E 77 12.50 -7.27 -16.50
C VAL E 77 11.10 -7.85 -16.53
N ALA E 78 10.14 -7.05 -16.08
CA ALA E 78 8.72 -7.41 -16.17
C ALA E 78 8.12 -6.78 -17.41
N LEU E 79 7.53 -7.59 -18.28
CA LEU E 79 6.88 -7.10 -19.51
C LEU E 79 5.41 -7.50 -19.55
N GLY E 80 4.56 -6.61 -20.06
CA GLY E 80 3.15 -6.91 -20.22
C GLY E 80 2.38 -5.70 -20.75
N VAL E 81 1.09 -5.90 -20.94
CA VAL E 81 0.22 -4.86 -21.50
C VAL E 81 -1.11 -4.90 -20.77
N VAL E 82 -1.46 -3.80 -20.11
CA VAL E 82 -2.77 -3.64 -19.49
C VAL E 82 -3.47 -2.46 -20.15
N ILE E 83 -4.59 -2.74 -20.81
CA ILE E 83 -5.36 -1.70 -21.49
C ILE E 83 -6.71 -1.53 -20.80
N ARG E 84 -7.05 -0.28 -20.47
CA ARG E 84 -8.29 0.03 -19.76
C ARG E 84 -9.52 -0.32 -20.60
N GLY E 85 -10.53 -0.89 -19.96
CA GLY E 85 -11.79 -1.19 -20.61
C GLY E 85 -12.95 -0.46 -19.95
N GLN E 86 -14.03 -1.19 -19.72
CA GLN E 86 -15.27 -0.61 -19.23
C GLN E 86 -15.36 -0.52 -17.71
N THR E 87 -14.64 -1.41 -17.03
CA THR E 87 -14.72 -1.55 -15.57
C THR E 87 -13.46 -1.05 -14.87
N PRO E 88 -13.53 -0.86 -13.54
CA PRO E 88 -12.36 -0.57 -12.71
C PRO E 88 -11.32 -1.69 -12.65
N HIS E 89 -11.56 -2.84 -13.30
CA HIS E 89 -10.57 -3.93 -13.35
C HIS E 89 -9.16 -3.46 -13.69
N PHE E 90 -9.06 -2.58 -14.69
CA PHE E 90 -7.78 -1.99 -15.08
C PHE E 90 -7.00 -1.45 -13.88
N ASP E 91 -7.68 -0.65 -13.06
CA ASP E 91 -7.08 0.06 -11.92
C ASP E 91 -6.49 -0.92 -10.91
N TYR E 92 -7.24 -1.98 -10.63
CA TYR E 92 -6.80 -2.96 -9.65
C TYR E 92 -5.70 -3.90 -10.14
N VAL E 93 -5.70 -4.20 -11.45
CA VAL E 93 -4.59 -4.95 -12.05
C VAL E 93 -3.30 -4.16 -11.93
N CYS E 94 -3.35 -2.90 -12.32
CA CYS E 94 -2.19 -2.01 -12.23
C CYS E 94 -1.70 -1.82 -10.79
N ASP E 95 -2.62 -1.63 -9.84
CA ASP E 95 -2.26 -1.53 -8.41
C ASP E 95 -1.54 -2.78 -7.92
N ALA E 96 -2.06 -3.96 -8.26
CA ALA E 96 -1.42 -5.21 -7.86
C ALA E 96 -0.02 -5.32 -8.42
N VAL E 97 0.14 -5.01 -9.71
CA VAL E 97 1.45 -5.11 -10.36
C VAL E 97 2.44 -4.16 -9.70
N THR E 98 2.03 -2.90 -9.48
CA THR E 98 2.88 -1.90 -8.82
C THR E 98 3.29 -2.34 -7.42
N GLN E 99 2.33 -2.74 -6.61
CA GLN E 99 2.60 -3.15 -5.23
C GLN E 99 3.53 -4.36 -5.21
N GLY E 100 3.26 -5.31 -6.09
CA GLY E 100 4.02 -6.55 -6.16
C GLY E 100 5.46 -6.39 -6.59
N LEU E 101 5.68 -5.71 -7.71
CA LEU E 101 7.02 -5.51 -8.23
C LEU E 101 7.88 -4.70 -7.28
N THR E 102 7.26 -3.72 -6.62
CA THR E 102 7.95 -2.88 -5.67
C THR E 102 8.41 -3.72 -4.48
N ARG E 103 7.49 -4.50 -3.90
CA ARG E 103 7.86 -5.40 -2.82
C ARG E 103 8.97 -6.41 -3.23
N VAL E 104 8.81 -7.08 -4.37
CA VAL E 104 9.81 -8.06 -4.84
C VAL E 104 11.22 -7.42 -4.97
N SER E 105 11.30 -6.22 -5.55
CA SER E 105 12.61 -5.59 -5.76
C SER E 105 13.32 -5.33 -4.43
N LEU E 106 12.53 -4.87 -3.46
CA LEU E 106 13.08 -4.52 -2.16
C LEU E 106 13.36 -5.76 -1.29
N ASP E 107 12.46 -6.75 -1.33
CA ASP E 107 12.66 -8.03 -0.61
C ASP E 107 13.96 -8.68 -1.08
N SER E 108 14.19 -8.63 -2.39
CA SER E 108 15.30 -9.37 -2.99
C SER E 108 16.53 -8.49 -3.20
N SER E 109 16.40 -7.19 -2.93
CA SER E 109 17.45 -6.20 -3.22
C SER E 109 17.97 -6.35 -4.67
N THR E 110 17.04 -6.51 -5.60
CA THR E 110 17.32 -6.79 -7.01
C THR E 110 16.45 -5.86 -7.86
N PRO E 111 17.03 -5.20 -8.89
CA PRO E 111 16.16 -4.37 -9.73
C PRO E 111 15.14 -5.19 -10.48
N ILE E 112 13.88 -4.75 -10.41
CA ILE E 112 12.80 -5.36 -11.19
C ILE E 112 12.27 -4.23 -12.05
N ALA E 113 12.68 -4.21 -13.32
CA ALA E 113 12.36 -3.11 -14.21
C ALA E 113 10.93 -3.27 -14.69
N ASN E 114 10.18 -2.17 -14.73
CA ASN E 114 8.79 -2.23 -15.18
C ASN E 114 8.65 -1.88 -16.66
N GLY E 115 8.39 -2.89 -17.47
CA GLY E 115 8.04 -2.70 -18.87
C GLY E 115 6.62 -3.16 -19.09
N VAL E 116 5.78 -2.97 -18.08
CA VAL E 116 4.36 -3.30 -18.19
C VAL E 116 3.66 -2.03 -18.63
N LEU E 117 3.22 -2.02 -19.88
CA LEU E 117 2.45 -0.90 -20.42
C LEU E 117 1.09 -0.82 -19.73
N THR E 118 0.70 0.40 -19.39
CA THR E 118 -0.60 0.66 -18.76
C THR E 118 -1.22 1.83 -19.51
N THR E 119 -2.07 1.51 -20.47
CA THR E 119 -2.56 2.50 -21.42
C THR E 119 -4.08 2.55 -21.42
N ASN E 120 -4.63 3.66 -21.92
CA ASN E 120 -6.07 3.78 -22.09
C ASN E 120 -6.57 3.13 -23.38
N THR E 121 -5.71 3.07 -24.39
CA THR E 121 -6.10 2.53 -25.70
C THR E 121 -5.08 1.53 -26.21
N GLU E 122 -5.50 0.68 -27.15
CA GLU E 122 -4.57 -0.21 -27.85
C GLU E 122 -3.57 0.58 -28.69
N GLU E 123 -4.06 1.67 -29.30
CA GLU E 123 -3.25 2.60 -30.09
C GLU E 123 -2.04 3.08 -29.29
N GLN E 124 -2.30 3.49 -28.05
CA GLN E 124 -1.24 3.93 -27.14
C GLN E 124 -0.23 2.82 -26.85
N ALA E 125 -0.74 1.61 -26.62
CA ALA E 125 0.15 0.48 -26.30
C ALA E 125 1.04 0.12 -27.49
N LEU E 126 0.45 0.10 -28.69
CA LEU E 126 1.19 -0.18 -29.93
C LEU E 126 2.34 0.84 -30.12
N ASP E 127 2.04 2.11 -29.88
CA ASP E 127 3.00 3.22 -30.04
C ASP E 127 4.18 3.14 -29.07
N ARG E 128 4.07 2.28 -28.07
CA ARG E 128 5.08 2.15 -27.02
C ARG E 128 5.74 0.77 -26.97
N ALA E 129 5.43 -0.06 -27.96
CA ALA E 129 5.95 -1.44 -28.02
C ALA E 129 7.14 -1.55 -28.99
N GLY E 130 7.58 -0.42 -29.52
CA GLY E 130 8.71 -0.38 -30.46
C GLY E 130 8.53 -1.19 -31.73
N LEU E 131 7.33 -1.13 -32.30
CA LEU E 131 7.07 -1.70 -33.61
C LEU E 131 7.59 -0.71 -34.67
N PRO E 132 7.75 -1.16 -35.93
CA PRO E 132 8.35 -0.29 -36.95
C PRO E 132 7.93 1.18 -36.88
N THR E 133 6.65 1.46 -36.61
CA THR E 133 6.13 2.82 -36.59
C THR E 133 5.93 3.41 -35.18
N SER E 134 6.34 2.67 -34.15
CA SER E 134 6.12 3.12 -32.77
C SER E 134 7.00 4.31 -32.39
N ALA E 135 6.47 5.15 -31.51
CA ALA E 135 7.22 6.30 -30.99
C ALA E 135 8.40 5.84 -30.13
N GLU E 136 8.20 4.76 -29.37
CA GLU E 136 9.24 4.24 -28.47
C GLU E 136 9.07 2.74 -28.19
N ASP E 137 10.05 2.17 -27.50
CA ASP E 137 10.05 0.77 -27.10
C ASP E 137 10.30 0.61 -25.61
N LYS E 138 9.21 0.40 -24.89
CA LYS E 138 9.20 0.23 -23.44
C LYS E 138 9.98 -1.02 -23.01
N GLY E 139 9.99 -2.06 -23.83
CA GLY E 139 10.64 -3.33 -23.50
C GLY E 139 12.16 -3.18 -23.49
N ALA E 140 12.67 -2.56 -24.55
CA ALA E 140 14.07 -2.17 -24.66
C ALA E 140 14.47 -1.23 -23.50
N GLN E 141 13.68 -0.17 -23.28
CA GLN E 141 13.91 0.77 -22.19
C GLN E 141 14.00 0.10 -20.83
N ALA E 142 13.07 -0.81 -20.55
CA ALA E 142 13.06 -1.52 -19.26
C ALA E 142 14.31 -2.40 -19.12
N THR E 143 14.75 -2.99 -20.23
CA THR E 143 15.94 -3.84 -20.19
C THR E 143 17.21 -3.04 -19.95
N VAL E 144 17.35 -1.90 -20.63
CA VAL E 144 18.43 -0.96 -20.32
C VAL E 144 18.42 -0.61 -18.83
N ALA E 145 17.23 -0.28 -18.29
CA ALA E 145 17.12 0.13 -16.89
C ALA E 145 17.54 -0.97 -15.92
N ALA E 146 17.08 -2.19 -16.18
CA ALA E 146 17.44 -3.35 -15.37
C ALA E 146 18.95 -3.59 -15.37
N LEU E 147 19.55 -3.55 -16.56
CA LEU E 147 20.99 -3.85 -16.68
C LEU E 147 21.85 -2.74 -16.07
N ALA E 148 21.49 -1.49 -16.37
CA ALA E 148 22.20 -0.34 -15.81
C ALA E 148 22.15 -0.39 -14.29
N THR E 149 20.99 -0.71 -13.73
CA THR E 149 20.84 -0.72 -12.28
C THR E 149 21.62 -1.85 -11.63
N ALA E 150 21.64 -3.02 -12.26
CA ALA E 150 22.43 -4.14 -11.75
C ALA E 150 23.92 -3.82 -11.73
N LEU E 151 24.41 -3.19 -12.80
CA LEU E 151 25.83 -2.79 -12.90
C LEU E 151 26.20 -1.74 -11.85
N THR E 152 25.28 -0.82 -11.60
CA THR E 152 25.43 0.16 -10.54
C THR E 152 25.50 -0.50 -9.15
N LEU E 153 24.57 -1.40 -8.88
CA LEU E 153 24.58 -2.15 -7.61
C LEU E 153 25.86 -2.97 -7.42
N ARG E 154 26.34 -3.61 -8.49
CA ARG E 154 27.59 -4.39 -8.42
C ARG E 154 28.78 -3.52 -7.99
N GLU E 155 28.84 -2.30 -8.53
CA GLU E 155 29.91 -1.35 -8.20
C GLU E 155 29.78 -0.82 -6.78
N LEU E 156 28.55 -0.67 -6.32
CA LEU E 156 28.28 -0.17 -4.98
C LEU E 156 28.62 -1.17 -3.90
N ARG E 157 28.43 -2.46 -4.21
CA ARG E 157 28.55 -3.55 -3.24
C ARG E 157 29.98 -4.07 -3.08
N ALA E 158 30.14 -5.10 -2.25
CA ALA E 158 31.45 -5.62 -1.80
C ALA E 158 32.32 -6.20 -2.90
N HIS E 159 33.52 -5.60 -3.01
CA HIS E 159 34.67 -6.07 -3.79
C HIS E 159 35.80 -5.18 -3.26
N SER E 160 37.09 -5.51 -3.41
CA SER E 160 37.64 -6.74 -3.97
C SER E 160 38.54 -7.38 -2.90
#